data_1PG9
# 
_entry.id   1PG9 
# 
_audit_conform.dict_name       mmcif_pdbx.dic 
_audit_conform.dict_version    5.392 
_audit_conform.dict_location   http://mmcif.pdb.org/dictionaries/ascii/mmcif_pdbx.dic 
# 
loop_
_database_2.database_id 
_database_2.database_code 
_database_2.pdbx_database_accession 
_database_2.pdbx_DOI 
PDB   1PG9         pdb_00001pg9 10.2210/pdb1pg9/pdb 
RCSB  RCSB019309   ?            ?                   
WWPDB D_1000019309 ?            ?                   
# 
loop_
_pdbx_audit_revision_history.ordinal 
_pdbx_audit_revision_history.data_content_type 
_pdbx_audit_revision_history.major_revision 
_pdbx_audit_revision_history.minor_revision 
_pdbx_audit_revision_history.revision_date 
1 'Structure model' 1 0 2004-07-06 
2 'Structure model' 1 1 2008-04-29 
3 'Structure model' 1 2 2011-07-13 
4 'Structure model' 1 3 2022-02-23 
5 'Structure model' 1 4 2024-05-22 
# 
_pdbx_audit_revision_details.ordinal             1 
_pdbx_audit_revision_details.revision_ordinal    1 
_pdbx_audit_revision_details.data_content_type   'Structure model' 
_pdbx_audit_revision_details.provider            repository 
_pdbx_audit_revision_details.type                'Initial release' 
_pdbx_audit_revision_details.description         ? 
_pdbx_audit_revision_details.details             ? 
# 
loop_
_pdbx_audit_revision_group.ordinal 
_pdbx_audit_revision_group.revision_ordinal 
_pdbx_audit_revision_group.data_content_type 
_pdbx_audit_revision_group.group 
1 2 'Structure model' 'Version format compliance' 
2 3 'Structure model' 'Version format compliance' 
3 4 'Structure model' 'Data collection'           
4 4 'Structure model' 'Database references'       
5 4 'Structure model' 'Derived calculations'      
6 5 'Structure model' 'Data collection'           
# 
loop_
_pdbx_audit_revision_category.ordinal 
_pdbx_audit_revision_category.revision_ordinal 
_pdbx_audit_revision_category.data_content_type 
_pdbx_audit_revision_category.category 
1 4 'Structure model' database_2            
2 4 'Structure model' pdbx_nmr_software     
3 4 'Structure model' pdbx_struct_assembly  
4 4 'Structure model' pdbx_struct_oper_list 
5 4 'Structure model' struct_site           
6 5 'Structure model' chem_comp_atom        
7 5 'Structure model' chem_comp_bond        
# 
loop_
_pdbx_audit_revision_item.ordinal 
_pdbx_audit_revision_item.revision_ordinal 
_pdbx_audit_revision_item.data_content_type 
_pdbx_audit_revision_item.item 
1 4 'Structure model' '_database_2.pdbx_DOI'                
2 4 'Structure model' '_database_2.pdbx_database_accession' 
3 4 'Structure model' '_pdbx_nmr_software.name'             
4 4 'Structure model' '_struct_site.pdbx_auth_asym_id'      
5 4 'Structure model' '_struct_site.pdbx_auth_comp_id'      
6 4 'Structure model' '_struct_site.pdbx_auth_seq_id'       
# 
_pdbx_database_status.status_code                     REL 
_pdbx_database_status.entry_id                        1PG9 
_pdbx_database_status.recvd_initial_deposition_date   2003-05-28 
_pdbx_database_status.deposit_site                    RCSB 
_pdbx_database_status.process_site                    RCSB 
_pdbx_database_status.status_code_mr                  REL 
_pdbx_database_status.SG_entry                        . 
_pdbx_database_status.pdb_format_compatible           Y 
_pdbx_database_status.status_code_sf                  ? 
_pdbx_database_status.status_code_cs                  ? 
_pdbx_database_status.status_code_nmr_data            ? 
_pdbx_database_status.methods_development_category    ? 
# 
_pdbx_database_related.db_name        PDB 
_pdbx_database_related.db_id          1PGC 
_pdbx_database_related.details        . 
_pdbx_database_related.content_type   unspecified 
# 
loop_
_audit_author.name 
_audit_author.pdbx_ordinal 
'Wu, Y.'        1 
'Pradhan, P.'   2 
'Havener, J.'   3 
'Chaney, S.G.'  4 
'Campbel, S.L.' 5 
# 
_citation.id                        primary 
_citation.title                     
'NMR solution structure of an oxaliplatin 1,2-d(GG) intrastrand cross-link in a DNA dodecamer duplex' 
_citation.journal_abbrev            J.Mol.Biol. 
_citation.journal_volume            341 
_citation.page_first                1251 
_citation.page_last                 1269 
_citation.year                      2004 
_citation.journal_id_ASTM           JMOBAK 
_citation.country                   UK 
_citation.journal_id_ISSN           0022-2836 
_citation.journal_id_CSD            0070 
_citation.book_publisher            ? 
_citation.pdbx_database_id_PubMed   15321720 
_citation.pdbx_database_id_DOI      10.1016/j.jmb.2004.06.066 
# 
loop_
_citation_author.citation_id 
_citation_author.name 
_citation_author.ordinal 
_citation_author.identifier_ORCID 
primary 'Wu, Y.'         1 ? 
primary 'Pradhan, P.'    2 ? 
primary 'Havener, J.'    3 ? 
primary 'Boysen, G.'     4 ? 
primary 'Swenberg, J.A.' 5 ? 
primary 'Campbel, S.L.'  6 ? 
primary 'Chaney, S.G.'   7 ? 
# 
loop_
_entity.id 
_entity.type 
_entity.src_method 
_entity.pdbx_description 
_entity.formula_weight 
_entity.pdbx_number_of_molecules 
_entity.pdbx_ec 
_entity.pdbx_mutation 
_entity.pdbx_fragment 
_entity.details 
1 polymer     syn "5'-D(*CP*CP*TP*CP*AP*GP*GP*CP*CP*TP*CP*C)-3'" 3559.319 1 ? ? ? 
'G6 and G7 are Cross-Linked by a cis-Pt compound, residue 1PT' 
2 polymer     syn "5'-D(*GP*GP*AP*GP*GP*CP*CP*TP*GP*AP*GP*G)-3'" 3768.453 1 ? ? ? ? 
3 non-polymer syn 'CYCLOHEXANE-1(R),2(R)-DIAMINE-PLATINUM(II)'   309.267  1 ? ? ? ? 
# 
loop_
_entity_poly.entity_id 
_entity_poly.type 
_entity_poly.nstd_linkage 
_entity_poly.nstd_monomer 
_entity_poly.pdbx_seq_one_letter_code 
_entity_poly.pdbx_seq_one_letter_code_can 
_entity_poly.pdbx_strand_id 
_entity_poly.pdbx_target_identifier 
1 polydeoxyribonucleotide no no '(DC)(DC)(DT)(DC)(DA)(DG)(DG)(DC)(DC)(DT)(DC)(DC)' CCTCAGGCCTCC A ? 
2 polydeoxyribonucleotide no no '(DG)(DG)(DA)(DG)(DG)(DC)(DC)(DT)(DG)(DA)(DG)(DG)' GGAGGCCTGAGG B ? 
# 
_pdbx_entity_nonpoly.entity_id   3 
_pdbx_entity_nonpoly.name        'CYCLOHEXANE-1(R),2(R)-DIAMINE-PLATINUM(II)' 
_pdbx_entity_nonpoly.comp_id     1PT 
# 
loop_
_entity_poly_seq.entity_id 
_entity_poly_seq.num 
_entity_poly_seq.mon_id 
_entity_poly_seq.hetero 
1 1  DC n 
1 2  DC n 
1 3  DT n 
1 4  DC n 
1 5  DA n 
1 6  DG n 
1 7  DG n 
1 8  DC n 
1 9  DC n 
1 10 DT n 
1 11 DC n 
1 12 DC n 
2 1  DG n 
2 2  DG n 
2 3  DA n 
2 4  DG n 
2 5  DG n 
2 6  DC n 
2 7  DC n 
2 8  DT n 
2 9  DG n 
2 10 DA n 
2 11 DG n 
2 12 DG n 
# 
loop_
_chem_comp.id 
_chem_comp.type 
_chem_comp.mon_nstd_flag 
_chem_comp.name 
_chem_comp.pdbx_synonyms 
_chem_comp.formula 
_chem_comp.formula_weight 
1PT non-polymer   . 'CYCLOHEXANE-1(R),2(R)-DIAMINE-PLATINUM(II)' OXALIPLATIN 'C6 H14 N2 Pt 2'  309.267 
DA  'DNA linking' y "2'-DEOXYADENOSINE-5'-MONOPHOSPHATE"         ?           'C10 H14 N5 O6 P' 331.222 
DC  'DNA linking' y "2'-DEOXYCYTIDINE-5'-MONOPHOSPHATE"          ?           'C9 H14 N3 O7 P'  307.197 
DG  'DNA linking' y "2'-DEOXYGUANOSINE-5'-MONOPHOSPHATE"         ?           'C10 H14 N5 O7 P' 347.221 
DT  'DNA linking' y "THYMIDINE-5'-MONOPHOSPHATE"                 ?           'C10 H15 N2 O8 P' 322.208 
# 
loop_
_pdbx_poly_seq_scheme.asym_id 
_pdbx_poly_seq_scheme.entity_id 
_pdbx_poly_seq_scheme.seq_id 
_pdbx_poly_seq_scheme.mon_id 
_pdbx_poly_seq_scheme.ndb_seq_num 
_pdbx_poly_seq_scheme.pdb_seq_num 
_pdbx_poly_seq_scheme.auth_seq_num 
_pdbx_poly_seq_scheme.pdb_mon_id 
_pdbx_poly_seq_scheme.auth_mon_id 
_pdbx_poly_seq_scheme.pdb_strand_id 
_pdbx_poly_seq_scheme.pdb_ins_code 
_pdbx_poly_seq_scheme.hetero 
A 1 1  DC 1  1  1  DC C A . n 
A 1 2  DC 2  2  2  DC C A . n 
A 1 3  DT 3  3  3  DT T A . n 
A 1 4  DC 4  4  4  DC C A . n 
A 1 5  DA 5  5  5  DA A A . n 
A 1 6  DG 6  6  6  DG G A . n 
A 1 7  DG 7  7  7  DG G A . n 
A 1 8  DC 8  8  8  DC C A . n 
A 1 9  DC 9  9  9  DC C A . n 
A 1 10 DT 10 10 10 DT T A . n 
A 1 11 DC 11 11 11 DC C A . n 
A 1 12 DC 12 12 12 DC C A . n 
B 2 1  DG 1  13 13 DG G B . n 
B 2 2  DG 2  14 14 DG G B . n 
B 2 3  DA 3  15 15 DA A B . n 
B 2 4  DG 4  16 16 DG G B . n 
B 2 5  DG 5  17 17 DG G B . n 
B 2 6  DC 6  18 18 DC C B . n 
B 2 7  DC 7  19 19 DC C B . n 
B 2 8  DT 8  20 20 DT T B . n 
B 2 9  DG 9  21 21 DG G B . n 
B 2 10 DA 10 22 22 DA A B . n 
B 2 11 DG 11 23 23 DG G B . n 
B 2 12 DG 12 24 24 DG G B . n 
# 
_pdbx_nonpoly_scheme.asym_id         C 
_pdbx_nonpoly_scheme.entity_id       3 
_pdbx_nonpoly_scheme.mon_id          1PT 
_pdbx_nonpoly_scheme.ndb_seq_num     1 
_pdbx_nonpoly_scheme.pdb_seq_num     77 
_pdbx_nonpoly_scheme.auth_seq_num    77 
_pdbx_nonpoly_scheme.pdb_mon_id      1PT 
_pdbx_nonpoly_scheme.auth_mon_id     1PT 
_pdbx_nonpoly_scheme.pdb_strand_id   A 
_pdbx_nonpoly_scheme.pdb_ins_code    . 
# 
_exptl.entry_id          1PG9 
_exptl.method            'SOLUTION NMR' 
_exptl.crystals_number   ? 
# 
_struct.entry_id                  1PG9 
_struct.title                     
'NMR Solution Structure of an Oxaliplatin 1,2-d(GG) Intrastrand Cross-Link in a DNA Dodecamer Duplex' 
_struct.pdbx_model_details        ? 
_struct.pdbx_CASP_flag            ? 
_struct.pdbx_model_type_details   ? 
# 
_struct_keywords.entry_id        1PG9 
_struct_keywords.pdbx_keywords   DNA 
_struct_keywords.text            'DEOXYRIBONUCLEIC ACID; OXALIPLATIN; DNA; DUPLEX; DODECAMER; NMR, DNA' 
# 
loop_
_struct_asym.id 
_struct_asym.pdbx_blank_PDB_chainid_flag 
_struct_asym.pdbx_modified 
_struct_asym.entity_id 
_struct_asym.details 
A N N 1 ? 
B N N 2 ? 
C N N 3 ? 
# 
loop_
_struct_ref.id 
_struct_ref.entity_id 
_struct_ref.db_name 
_struct_ref.db_code 
_struct_ref.pdbx_db_accession 
_struct_ref.pdbx_db_isoform 
_struct_ref.pdbx_seq_one_letter_code 
_struct_ref.pdbx_align_begin 
1 1 PDB 1PG9 1PG9 ? ? ? 
2 2 PDB 1PG9 1PG9 ? ? ? 
# 
loop_
_struct_ref_seq.align_id 
_struct_ref_seq.ref_id 
_struct_ref_seq.pdbx_PDB_id_code 
_struct_ref_seq.pdbx_strand_id 
_struct_ref_seq.seq_align_beg 
_struct_ref_seq.pdbx_seq_align_beg_ins_code 
_struct_ref_seq.seq_align_end 
_struct_ref_seq.pdbx_seq_align_end_ins_code 
_struct_ref_seq.pdbx_db_accession 
_struct_ref_seq.db_align_beg 
_struct_ref_seq.pdbx_db_align_beg_ins_code 
_struct_ref_seq.db_align_end 
_struct_ref_seq.pdbx_db_align_end_ins_code 
_struct_ref_seq.pdbx_auth_seq_align_beg 
_struct_ref_seq.pdbx_auth_seq_align_end 
1 1 1PG9 A 1 ? 12 ? 1PG9 1  ? 12 ? 1  12 
2 2 1PG9 B 1 ? 12 ? 1PG9 13 ? 24 ? 13 24 
# 
_pdbx_struct_assembly.id                   1 
_pdbx_struct_assembly.details              author_defined_assembly 
_pdbx_struct_assembly.method_details       ? 
_pdbx_struct_assembly.oligomeric_details   dimeric 
_pdbx_struct_assembly.oligomeric_count     2 
# 
_pdbx_struct_assembly_gen.assembly_id       1 
_pdbx_struct_assembly_gen.oper_expression   1 
_pdbx_struct_assembly_gen.asym_id_list      A,B,C 
# 
_pdbx_struct_oper_list.id                   1 
_pdbx_struct_oper_list.type                 'identity operation' 
_pdbx_struct_oper_list.name                 1_555 
_pdbx_struct_oper_list.symmetry_operation   x,y,z 
_pdbx_struct_oper_list.matrix[1][1]         1.0000000000 
_pdbx_struct_oper_list.matrix[1][2]         0.0000000000 
_pdbx_struct_oper_list.matrix[1][3]         0.0000000000 
_pdbx_struct_oper_list.vector[1]            0.0000000000 
_pdbx_struct_oper_list.matrix[2][1]         0.0000000000 
_pdbx_struct_oper_list.matrix[2][2]         1.0000000000 
_pdbx_struct_oper_list.matrix[2][3]         0.0000000000 
_pdbx_struct_oper_list.vector[2]            0.0000000000 
_pdbx_struct_oper_list.matrix[3][1]         0.0000000000 
_pdbx_struct_oper_list.matrix[3][2]         0.0000000000 
_pdbx_struct_oper_list.matrix[3][3]         1.0000000000 
_pdbx_struct_oper_list.vector[3]            0.0000000000 
# 
_struct_biol.id   1 
# 
loop_
_struct_conn.id 
_struct_conn.conn_type_id 
_struct_conn.pdbx_leaving_atom_flag 
_struct_conn.pdbx_PDB_id 
_struct_conn.ptnr1_label_asym_id 
_struct_conn.ptnr1_label_comp_id 
_struct_conn.ptnr1_label_seq_id 
_struct_conn.ptnr1_label_atom_id 
_struct_conn.pdbx_ptnr1_label_alt_id 
_struct_conn.pdbx_ptnr1_PDB_ins_code 
_struct_conn.pdbx_ptnr1_standard_comp_id 
_struct_conn.ptnr1_symmetry 
_struct_conn.ptnr2_label_asym_id 
_struct_conn.ptnr2_label_comp_id 
_struct_conn.ptnr2_label_seq_id 
_struct_conn.ptnr2_label_atom_id 
_struct_conn.pdbx_ptnr2_label_alt_id 
_struct_conn.pdbx_ptnr2_PDB_ins_code 
_struct_conn.ptnr1_auth_asym_id 
_struct_conn.ptnr1_auth_comp_id 
_struct_conn.ptnr1_auth_seq_id 
_struct_conn.ptnr2_auth_asym_id 
_struct_conn.ptnr2_auth_comp_id 
_struct_conn.ptnr2_auth_seq_id 
_struct_conn.ptnr2_symmetry 
_struct_conn.pdbx_ptnr3_label_atom_id 
_struct_conn.pdbx_ptnr3_label_seq_id 
_struct_conn.pdbx_ptnr3_label_comp_id 
_struct_conn.pdbx_ptnr3_label_asym_id 
_struct_conn.pdbx_ptnr3_label_alt_id 
_struct_conn.pdbx_ptnr3_PDB_ins_code 
_struct_conn.details 
_struct_conn.pdbx_dist_value 
_struct_conn.pdbx_value_order 
_struct_conn.pdbx_role 
metalc1  metalc ? ? A DG 6  N7 ? ? ? 1_555 C 1PT .  PT ? ? A DG 6  A 1PT 77 1_555 ? ? ? ? ? ? ?            2.008 ? ? 
metalc2  metalc ? ? A DG 7  N7 ? ? ? 1_555 C 1PT .  PT ? ? A DG 7  A 1PT 77 1_555 ? ? ? ? ? ? ?            2.013 ? ? 
hydrog1  hydrog ? ? A DC 1  N3 ? ? ? 1_555 B DG  12 N1 ? ? A DC 1  B DG  24 1_555 ? ? ? ? ? ? WATSON-CRICK ?     ? ? 
hydrog2  hydrog ? ? A DC 1  N4 ? ? ? 1_555 B DG  12 O6 ? ? A DC 1  B DG  24 1_555 ? ? ? ? ? ? WATSON-CRICK ?     ? ? 
hydrog3  hydrog ? ? A DC 1  O2 ? ? ? 1_555 B DG  12 N2 ? ? A DC 1  B DG  24 1_555 ? ? ? ? ? ? WATSON-CRICK ?     ? ? 
hydrog4  hydrog ? ? A DC 2  N3 ? ? ? 1_555 B DG  11 N1 ? ? A DC 2  B DG  23 1_555 ? ? ? ? ? ? WATSON-CRICK ?     ? ? 
hydrog5  hydrog ? ? A DC 2  N4 ? ? ? 1_555 B DG  11 O6 ? ? A DC 2  B DG  23 1_555 ? ? ? ? ? ? WATSON-CRICK ?     ? ? 
hydrog6  hydrog ? ? A DC 2  O2 ? ? ? 1_555 B DG  11 N2 ? ? A DC 2  B DG  23 1_555 ? ? ? ? ? ? WATSON-CRICK ?     ? ? 
hydrog7  hydrog ? ? A DT 3  N3 ? ? ? 1_555 B DA  10 N1 ? ? A DT 3  B DA  22 1_555 ? ? ? ? ? ? WATSON-CRICK ?     ? ? 
hydrog8  hydrog ? ? A DT 3  O4 ? ? ? 1_555 B DA  10 N6 ? ? A DT 3  B DA  22 1_555 ? ? ? ? ? ? WATSON-CRICK ?     ? ? 
hydrog9  hydrog ? ? A DC 4  N3 ? ? ? 1_555 B DG  9  N1 ? ? A DC 4  B DG  21 1_555 ? ? ? ? ? ? WATSON-CRICK ?     ? ? 
hydrog10 hydrog ? ? A DC 4  N4 ? ? ? 1_555 B DG  9  O6 ? ? A DC 4  B DG  21 1_555 ? ? ? ? ? ? WATSON-CRICK ?     ? ? 
hydrog11 hydrog ? ? A DC 4  O2 ? ? ? 1_555 B DG  9  N2 ? ? A DC 4  B DG  21 1_555 ? ? ? ? ? ? WATSON-CRICK ?     ? ? 
hydrog12 hydrog ? ? A DA 5  N1 ? ? ? 1_555 B DT  8  N3 ? ? A DA 5  B DT  20 1_555 ? ? ? ? ? ? WATSON-CRICK ?     ? ? 
hydrog13 hydrog ? ? A DA 5  N6 ? ? ? 1_555 B DT  8  O4 ? ? A DA 5  B DT  20 1_555 ? ? ? ? ? ? WATSON-CRICK ?     ? ? 
hydrog14 hydrog ? ? A DG 6  N1 ? ? ? 1_555 B DC  7  N3 ? ? A DG 6  B DC  19 1_555 ? ? ? ? ? ? WATSON-CRICK ?     ? ? 
hydrog15 hydrog ? ? A DG 6  N2 ? ? ? 1_555 B DC  7  O2 ? ? A DG 6  B DC  19 1_555 ? ? ? ? ? ? WATSON-CRICK ?     ? ? 
hydrog16 hydrog ? ? A DG 6  O6 ? ? ? 1_555 B DC  7  N4 ? ? A DG 6  B DC  19 1_555 ? ? ? ? ? ? WATSON-CRICK ?     ? ? 
hydrog17 hydrog ? ? A DG 7  N1 ? ? ? 1_555 B DC  6  N3 ? ? A DG 7  B DC  18 1_555 ? ? ? ? ? ? WATSON-CRICK ?     ? ? 
hydrog18 hydrog ? ? A DG 7  N2 ? ? ? 1_555 B DC  6  O2 ? ? A DG 7  B DC  18 1_555 ? ? ? ? ? ? WATSON-CRICK ?     ? ? 
hydrog19 hydrog ? ? A DG 7  O6 ? ? ? 1_555 B DC  6  N4 ? ? A DG 7  B DC  18 1_555 ? ? ? ? ? ? WATSON-CRICK ?     ? ? 
hydrog20 hydrog ? ? A DC 8  N3 ? ? ? 1_555 B DG  5  N1 ? ? A DC 8  B DG  17 1_555 ? ? ? ? ? ? WATSON-CRICK ?     ? ? 
hydrog21 hydrog ? ? A DC 8  N4 ? ? ? 1_555 B DG  5  O6 ? ? A DC 8  B DG  17 1_555 ? ? ? ? ? ? WATSON-CRICK ?     ? ? 
hydrog22 hydrog ? ? A DC 8  O2 ? ? ? 1_555 B DG  5  N2 ? ? A DC 8  B DG  17 1_555 ? ? ? ? ? ? WATSON-CRICK ?     ? ? 
hydrog23 hydrog ? ? A DC 9  N3 ? ? ? 1_555 B DG  4  N1 ? ? A DC 9  B DG  16 1_555 ? ? ? ? ? ? WATSON-CRICK ?     ? ? 
hydrog24 hydrog ? ? A DC 9  N4 ? ? ? 1_555 B DG  4  O6 ? ? A DC 9  B DG  16 1_555 ? ? ? ? ? ? WATSON-CRICK ?     ? ? 
hydrog25 hydrog ? ? A DC 9  O2 ? ? ? 1_555 B DG  4  N2 ? ? A DC 9  B DG  16 1_555 ? ? ? ? ? ? WATSON-CRICK ?     ? ? 
hydrog26 hydrog ? ? A DT 10 N3 ? ? ? 1_555 B DA  3  N1 ? ? A DT 10 B DA  15 1_555 ? ? ? ? ? ? WATSON-CRICK ?     ? ? 
hydrog27 hydrog ? ? A DT 10 O4 ? ? ? 1_555 B DA  3  N6 ? ? A DT 10 B DA  15 1_555 ? ? ? ? ? ? WATSON-CRICK ?     ? ? 
hydrog28 hydrog ? ? A DC 11 N3 ? ? ? 1_555 B DG  2  N1 ? ? A DC 11 B DG  14 1_555 ? ? ? ? ? ? WATSON-CRICK ?     ? ? 
hydrog29 hydrog ? ? A DC 11 N4 ? ? ? 1_555 B DG  2  O6 ? ? A DC 11 B DG  14 1_555 ? ? ? ? ? ? WATSON-CRICK ?     ? ? 
hydrog30 hydrog ? ? A DC 11 O2 ? ? ? 1_555 B DG  2  N2 ? ? A DC 11 B DG  14 1_555 ? ? ? ? ? ? WATSON-CRICK ?     ? ? 
hydrog31 hydrog ? ? A DC 12 N3 ? ? ? 1_555 B DG  1  N1 ? ? A DC 12 B DG  13 1_555 ? ? ? ? ? ? WATSON-CRICK ?     ? ? 
hydrog32 hydrog ? ? A DC 12 N4 ? ? ? 1_555 B DG  1  O6 ? ? A DC 12 B DG  13 1_555 ? ? ? ? ? ? WATSON-CRICK ?     ? ? 
hydrog33 hydrog ? ? A DC 12 O2 ? ? ? 1_555 B DG  1  N2 ? ? A DC 12 B DG  13 1_555 ? ? ? ? ? ? WATSON-CRICK ?     ? ? 
# 
loop_
_struct_conn_type.id 
_struct_conn_type.criteria 
_struct_conn_type.reference 
metalc ? ? 
hydrog ? ? 
# 
loop_
_pdbx_struct_conn_angle.id 
_pdbx_struct_conn_angle.ptnr1_label_atom_id 
_pdbx_struct_conn_angle.ptnr1_label_alt_id 
_pdbx_struct_conn_angle.ptnr1_label_asym_id 
_pdbx_struct_conn_angle.ptnr1_label_comp_id 
_pdbx_struct_conn_angle.ptnr1_label_seq_id 
_pdbx_struct_conn_angle.ptnr1_auth_atom_id 
_pdbx_struct_conn_angle.ptnr1_auth_asym_id 
_pdbx_struct_conn_angle.ptnr1_auth_comp_id 
_pdbx_struct_conn_angle.ptnr1_auth_seq_id 
_pdbx_struct_conn_angle.ptnr1_PDB_ins_code 
_pdbx_struct_conn_angle.ptnr1_symmetry 
_pdbx_struct_conn_angle.ptnr2_label_atom_id 
_pdbx_struct_conn_angle.ptnr2_label_alt_id 
_pdbx_struct_conn_angle.ptnr2_label_asym_id 
_pdbx_struct_conn_angle.ptnr2_label_comp_id 
_pdbx_struct_conn_angle.ptnr2_label_seq_id 
_pdbx_struct_conn_angle.ptnr2_auth_atom_id 
_pdbx_struct_conn_angle.ptnr2_auth_asym_id 
_pdbx_struct_conn_angle.ptnr2_auth_comp_id 
_pdbx_struct_conn_angle.ptnr2_auth_seq_id 
_pdbx_struct_conn_angle.ptnr2_PDB_ins_code 
_pdbx_struct_conn_angle.ptnr2_symmetry 
_pdbx_struct_conn_angle.ptnr3_label_atom_id 
_pdbx_struct_conn_angle.ptnr3_label_alt_id 
_pdbx_struct_conn_angle.ptnr3_label_asym_id 
_pdbx_struct_conn_angle.ptnr3_label_comp_id 
_pdbx_struct_conn_angle.ptnr3_label_seq_id 
_pdbx_struct_conn_angle.ptnr3_auth_atom_id 
_pdbx_struct_conn_angle.ptnr3_auth_asym_id 
_pdbx_struct_conn_angle.ptnr3_auth_comp_id 
_pdbx_struct_conn_angle.ptnr3_auth_seq_id 
_pdbx_struct_conn_angle.ptnr3_PDB_ins_code 
_pdbx_struct_conn_angle.ptnr3_symmetry 
_pdbx_struct_conn_angle.value 
_pdbx_struct_conn_angle.value_esd 
1 N7 ? A DG  6 ? A DG  6  ? 1_555 PT ? C 1PT . ? A 1PT 77 ? 1_555 N1 ? C 1PT . ? A 1PT 77 ? 1_555 91.9  ? 
2 N7 ? A DG  6 ? A DG  6  ? 1_555 PT ? C 1PT . ? A 1PT 77 ? 1_555 N2 ? C 1PT . ? A 1PT 77 ? 1_555 177.6 ? 
3 N1 ? C 1PT . ? A 1PT 77 ? 1_555 PT ? C 1PT . ? A 1PT 77 ? 1_555 N2 ? C 1PT . ? A 1PT 77 ? 1_555 85.7  ? 
4 N7 ? A DG  6 ? A DG  6  ? 1_555 PT ? C 1PT . ? A 1PT 77 ? 1_555 N7 ? A DG  7 ? A DG  7  ? 1_555 90.6  ? 
5 N1 ? C 1PT . ? A 1PT 77 ? 1_555 PT ? C 1PT . ? A 1PT 77 ? 1_555 N7 ? A DG  7 ? A DG  7  ? 1_555 177.6 ? 
6 N2 ? C 1PT . ? A 1PT 77 ? 1_555 PT ? C 1PT . ? A 1PT 77 ? 1_555 N7 ? A DG  7 ? A DG  7  ? 1_555 91.9  ? 
# 
_struct_site.id                   AC1 
_struct_site.pdbx_evidence_code   Software 
_struct_site.pdbx_auth_asym_id    A 
_struct_site.pdbx_auth_comp_id    1PT 
_struct_site.pdbx_auth_seq_id     77 
_struct_site.pdbx_auth_ins_code   ? 
_struct_site.pdbx_num_residues    2 
_struct_site.details              'BINDING SITE FOR RESIDUE 1PT A 77' 
# 
loop_
_struct_site_gen.id 
_struct_site_gen.site_id 
_struct_site_gen.pdbx_num_res 
_struct_site_gen.label_comp_id 
_struct_site_gen.label_asym_id 
_struct_site_gen.label_seq_id 
_struct_site_gen.pdbx_auth_ins_code 
_struct_site_gen.auth_comp_id 
_struct_site_gen.auth_asym_id 
_struct_site_gen.auth_seq_id 
_struct_site_gen.label_atom_id 
_struct_site_gen.label_alt_id 
_struct_site_gen.symmetry 
_struct_site_gen.details 
1 AC1 2 DG A 6 ? DG A 6 . ? 1_555 ? 
2 AC1 2 DG A 7 ? DG A 7 . ? 1_555 ? 
# 
loop_
_pdbx_validate_close_contact.id 
_pdbx_validate_close_contact.PDB_model_num 
_pdbx_validate_close_contact.auth_atom_id_1 
_pdbx_validate_close_contact.auth_asym_id_1 
_pdbx_validate_close_contact.auth_comp_id_1 
_pdbx_validate_close_contact.auth_seq_id_1 
_pdbx_validate_close_contact.PDB_ins_code_1 
_pdbx_validate_close_contact.label_alt_id_1 
_pdbx_validate_close_contact.auth_atom_id_2 
_pdbx_validate_close_contact.auth_asym_id_2 
_pdbx_validate_close_contact.auth_comp_id_2 
_pdbx_validate_close_contact.auth_seq_id_2 
_pdbx_validate_close_contact.PDB_ins_code_2 
_pdbx_validate_close_contact.label_alt_id_2 
_pdbx_validate_close_contact.dist 
1 1 H21 A DG 7  ? ? O2  B DC 18 ? ? 1.45 
2 1 O2  A DC 12 ? ? H21 B DG 13 ? ? 1.52 
3 1 O2  A DC 2  ? ? H21 B DG 23 ? ? 1.54 
4 1 O2  A DC 1  ? ? H21 B DG 24 ? ? 1.56 
5 1 H21 A DG 6  ? ? O2  B DC 19 ? ? 1.60 
6 1 O2  A DC 11 ? ? H21 B DG 14 ? ? 1.60 
# 
_pdbx_nmr_ensemble.entry_id                                      1PG9 
_pdbx_nmr_ensemble.conformers_calculated_total_number            20 
_pdbx_nmr_ensemble.conformers_submitted_total_number             1 
_pdbx_nmr_ensemble.conformer_selection_criteria                  'closest to the average' 
_pdbx_nmr_ensemble.average_constraints_per_residue               ? 
_pdbx_nmr_ensemble.average_constraint_violations_per_residue     ? 
_pdbx_nmr_ensemble.maximum_distance_constraint_violation         ? 
_pdbx_nmr_ensemble.average_distance_constraint_violation         ? 
_pdbx_nmr_ensemble.maximum_upper_distance_constraint_violation   ? 
_pdbx_nmr_ensemble.maximum_lower_distance_constraint_violation   ? 
_pdbx_nmr_ensemble.distance_constraint_violation_method          ? 
_pdbx_nmr_ensemble.maximum_torsion_angle_constraint_violation    ? 
_pdbx_nmr_ensemble.average_torsion_angle_constraint_violation    ? 
_pdbx_nmr_ensemble.torsion_angle_constraint_violation_method     ? 
# 
_pdbx_nmr_representative.entry_id             1PG9 
_pdbx_nmr_representative.conformer_id         1 
_pdbx_nmr_representative.selection_criteria   'closest to the average' 
# 
loop_
_pdbx_nmr_sample_details.solution_id 
_pdbx_nmr_sample_details.contents 
_pdbx_nmr_sample_details.solvent_system 
1 '100mM NaCl,5mM NaPi buffer, 95% H2O, 5% D2O' '95% H2O/5% D2O' 
2 '100mM NaCl,5mM NaPi buffer, 100% D2O'        '100% D2O'       
# 
loop_
_pdbx_nmr_exptl_sample_conditions.conditions_id 
_pdbx_nmr_exptl_sample_conditions.temperature 
_pdbx_nmr_exptl_sample_conditions.pressure 
_pdbx_nmr_exptl_sample_conditions.pH 
_pdbx_nmr_exptl_sample_conditions.ionic_strength 
_pdbx_nmr_exptl_sample_conditions.pressure_units 
_pdbx_nmr_exptl_sample_conditions.temperature_units 
1 275 1 7.0 '100mM NaCl, 5mM NaPi' atm K 
2 298 1 7.0 '100mM NaCl, 5mM NaPi' atm K 
# 
loop_
_pdbx_nmr_exptl.experiment_id 
_pdbx_nmr_exptl.solution_id 
_pdbx_nmr_exptl.conditions_id 
_pdbx_nmr_exptl.type 
1 1 2 '2D NOESY' 
2 1 2 '2D TOCSY' 
3 1 2 DQF-COSY   
4 1 1 '2D NOESY' 
# 
_pdbx_nmr_refine.entry_id           1PG9 
_pdbx_nmr_refine.method             'simulated annealing' 
_pdbx_nmr_refine.details            ? 
_pdbx_nmr_refine.software_ordinal   1 
# 
loop_
_pdbx_nmr_software.name 
_pdbx_nmr_software.version 
_pdbx_nmr_software.classification 
_pdbx_nmr_software.authors 
_pdbx_nmr_software.ordinal 
CNS     1.0  'structure solution' Brunger                      1 
Felix   2000 'data analysis'      'molecualr Simulations Inc.' 2 
NMRPipe 2.1  processing           Delaglio                     3 
CNS     1.0  refinement           Brunger                      4 
# 
loop_
_chem_comp_atom.comp_id 
_chem_comp_atom.atom_id 
_chem_comp_atom.type_symbol 
_chem_comp_atom.pdbx_aromatic_flag 
_chem_comp_atom.pdbx_stereo_config 
_chem_comp_atom.pdbx_ordinal 
1PT PT     PT N N 1   
1PT N1     N  N N 2   
1PT N2     N  N N 3   
1PT C1     C  N R 4   
1PT C2     C  N R 5   
1PT C3     C  N N 6   
1PT C4     C  N N 7   
1PT C5     C  N N 8   
1PT C6     C  N N 9   
1PT H11    H  N N 10  
1PT H12    H  N N 11  
1PT H21    H  N N 12  
1PT H22    H  N N 13  
1PT H1     H  N N 14  
1PT H2     H  N N 15  
1PT H31    H  N N 16  
1PT H32    H  N N 17  
1PT H41    H  N N 18  
1PT H42    H  N N 19  
1PT H51    H  N N 20  
1PT H52    H  N N 21  
1PT H61    H  N N 22  
1PT H62    H  N N 23  
DA  OP3    O  N N 24  
DA  P      P  N N 25  
DA  OP1    O  N N 26  
DA  OP2    O  N N 27  
DA  "O5'"  O  N N 28  
DA  "C5'"  C  N N 29  
DA  "C4'"  C  N R 30  
DA  "O4'"  O  N N 31  
DA  "C3'"  C  N S 32  
DA  "O3'"  O  N N 33  
DA  "C2'"  C  N N 34  
DA  "C1'"  C  N R 35  
DA  N9     N  Y N 36  
DA  C8     C  Y N 37  
DA  N7     N  Y N 38  
DA  C5     C  Y N 39  
DA  C6     C  Y N 40  
DA  N6     N  N N 41  
DA  N1     N  Y N 42  
DA  C2     C  Y N 43  
DA  N3     N  Y N 44  
DA  C4     C  Y N 45  
DA  HOP3   H  N N 46  
DA  HOP2   H  N N 47  
DA  "H5'"  H  N N 48  
DA  "H5''" H  N N 49  
DA  "H4'"  H  N N 50  
DA  "H3'"  H  N N 51  
DA  "HO3'" H  N N 52  
DA  "H2'"  H  N N 53  
DA  "H2''" H  N N 54  
DA  "H1'"  H  N N 55  
DA  H8     H  N N 56  
DA  H61    H  N N 57  
DA  H62    H  N N 58  
DA  H2     H  N N 59  
DC  OP3    O  N N 60  
DC  P      P  N N 61  
DC  OP1    O  N N 62  
DC  OP2    O  N N 63  
DC  "O5'"  O  N N 64  
DC  "C5'"  C  N N 65  
DC  "C4'"  C  N R 66  
DC  "O4'"  O  N N 67  
DC  "C3'"  C  N S 68  
DC  "O3'"  O  N N 69  
DC  "C2'"  C  N N 70  
DC  "C1'"  C  N R 71  
DC  N1     N  N N 72  
DC  C2     C  N N 73  
DC  O2     O  N N 74  
DC  N3     N  N N 75  
DC  C4     C  N N 76  
DC  N4     N  N N 77  
DC  C5     C  N N 78  
DC  C6     C  N N 79  
DC  HOP3   H  N N 80  
DC  HOP2   H  N N 81  
DC  "H5'"  H  N N 82  
DC  "H5''" H  N N 83  
DC  "H4'"  H  N N 84  
DC  "H3'"  H  N N 85  
DC  "HO3'" H  N N 86  
DC  "H2'"  H  N N 87  
DC  "H2''" H  N N 88  
DC  "H1'"  H  N N 89  
DC  H41    H  N N 90  
DC  H42    H  N N 91  
DC  H5     H  N N 92  
DC  H6     H  N N 93  
DG  OP3    O  N N 94  
DG  P      P  N N 95  
DG  OP1    O  N N 96  
DG  OP2    O  N N 97  
DG  "O5'"  O  N N 98  
DG  "C5'"  C  N N 99  
DG  "C4'"  C  N R 100 
DG  "O4'"  O  N N 101 
DG  "C3'"  C  N S 102 
DG  "O3'"  O  N N 103 
DG  "C2'"  C  N N 104 
DG  "C1'"  C  N R 105 
DG  N9     N  Y N 106 
DG  C8     C  Y N 107 
DG  N7     N  Y N 108 
DG  C5     C  Y N 109 
DG  C6     C  N N 110 
DG  O6     O  N N 111 
DG  N1     N  N N 112 
DG  C2     C  N N 113 
DG  N2     N  N N 114 
DG  N3     N  N N 115 
DG  C4     C  Y N 116 
DG  HOP3   H  N N 117 
DG  HOP2   H  N N 118 
DG  "H5'"  H  N N 119 
DG  "H5''" H  N N 120 
DG  "H4'"  H  N N 121 
DG  "H3'"  H  N N 122 
DG  "HO3'" H  N N 123 
DG  "H2'"  H  N N 124 
DG  "H2''" H  N N 125 
DG  "H1'"  H  N N 126 
DG  H8     H  N N 127 
DG  H1     H  N N 128 
DG  H21    H  N N 129 
DG  H22    H  N N 130 
DT  OP3    O  N N 131 
DT  P      P  N N 132 
DT  OP1    O  N N 133 
DT  OP2    O  N N 134 
DT  "O5'"  O  N N 135 
DT  "C5'"  C  N N 136 
DT  "C4'"  C  N R 137 
DT  "O4'"  O  N N 138 
DT  "C3'"  C  N S 139 
DT  "O3'"  O  N N 140 
DT  "C2'"  C  N N 141 
DT  "C1'"  C  N R 142 
DT  N1     N  N N 143 
DT  C2     C  N N 144 
DT  O2     O  N N 145 
DT  N3     N  N N 146 
DT  C4     C  N N 147 
DT  O4     O  N N 148 
DT  C5     C  N N 149 
DT  C7     C  N N 150 
DT  C6     C  N N 151 
DT  HOP3   H  N N 152 
DT  HOP2   H  N N 153 
DT  "H5'"  H  N N 154 
DT  "H5''" H  N N 155 
DT  "H4'"  H  N N 156 
DT  "H3'"  H  N N 157 
DT  "HO3'" H  N N 158 
DT  "H2'"  H  N N 159 
DT  "H2''" H  N N 160 
DT  "H1'"  H  N N 161 
DT  H3     H  N N 162 
DT  H71    H  N N 163 
DT  H72    H  N N 164 
DT  H73    H  N N 165 
DT  H6     H  N N 166 
# 
loop_
_chem_comp_bond.comp_id 
_chem_comp_bond.atom_id_1 
_chem_comp_bond.atom_id_2 
_chem_comp_bond.value_order 
_chem_comp_bond.pdbx_aromatic_flag 
_chem_comp_bond.pdbx_stereo_config 
_chem_comp_bond.pdbx_ordinal 
1PT PT    N1     sing N N 1   
1PT PT    N2     sing N N 2   
1PT N1    C1     sing N N 3   
1PT N1    H11    sing N N 4   
1PT N1    H12    sing N N 5   
1PT N2    C2     sing N N 6   
1PT N2    H21    sing N N 7   
1PT N2    H22    sing N N 8   
1PT C1    C2     sing N N 9   
1PT C1    C6     sing N N 10  
1PT C1    H1     sing N N 11  
1PT C2    C3     sing N N 12  
1PT C2    H2     sing N N 13  
1PT C3    C4     sing N N 14  
1PT C3    H31    sing N N 15  
1PT C3    H32    sing N N 16  
1PT C4    C5     sing N N 17  
1PT C4    H41    sing N N 18  
1PT C4    H42    sing N N 19  
1PT C5    C6     sing N N 20  
1PT C5    H51    sing N N 21  
1PT C5    H52    sing N N 22  
1PT C6    H61    sing N N 23  
1PT C6    H62    sing N N 24  
DA  OP3   P      sing N N 25  
DA  OP3   HOP3   sing N N 26  
DA  P     OP1    doub N N 27  
DA  P     OP2    sing N N 28  
DA  P     "O5'"  sing N N 29  
DA  OP2   HOP2   sing N N 30  
DA  "O5'" "C5'"  sing N N 31  
DA  "C5'" "C4'"  sing N N 32  
DA  "C5'" "H5'"  sing N N 33  
DA  "C5'" "H5''" sing N N 34  
DA  "C4'" "O4'"  sing N N 35  
DA  "C4'" "C3'"  sing N N 36  
DA  "C4'" "H4'"  sing N N 37  
DA  "O4'" "C1'"  sing N N 38  
DA  "C3'" "O3'"  sing N N 39  
DA  "C3'" "C2'"  sing N N 40  
DA  "C3'" "H3'"  sing N N 41  
DA  "O3'" "HO3'" sing N N 42  
DA  "C2'" "C1'"  sing N N 43  
DA  "C2'" "H2'"  sing N N 44  
DA  "C2'" "H2''" sing N N 45  
DA  "C1'" N9     sing N N 46  
DA  "C1'" "H1'"  sing N N 47  
DA  N9    C8     sing Y N 48  
DA  N9    C4     sing Y N 49  
DA  C8    N7     doub Y N 50  
DA  C8    H8     sing N N 51  
DA  N7    C5     sing Y N 52  
DA  C5    C6     sing Y N 53  
DA  C5    C4     doub Y N 54  
DA  C6    N6     sing N N 55  
DA  C6    N1     doub Y N 56  
DA  N6    H61    sing N N 57  
DA  N6    H62    sing N N 58  
DA  N1    C2     sing Y N 59  
DA  C2    N3     doub Y N 60  
DA  C2    H2     sing N N 61  
DA  N3    C4     sing Y N 62  
DC  OP3   P      sing N N 63  
DC  OP3   HOP3   sing N N 64  
DC  P     OP1    doub N N 65  
DC  P     OP2    sing N N 66  
DC  P     "O5'"  sing N N 67  
DC  OP2   HOP2   sing N N 68  
DC  "O5'" "C5'"  sing N N 69  
DC  "C5'" "C4'"  sing N N 70  
DC  "C5'" "H5'"  sing N N 71  
DC  "C5'" "H5''" sing N N 72  
DC  "C4'" "O4'"  sing N N 73  
DC  "C4'" "C3'"  sing N N 74  
DC  "C4'" "H4'"  sing N N 75  
DC  "O4'" "C1'"  sing N N 76  
DC  "C3'" "O3'"  sing N N 77  
DC  "C3'" "C2'"  sing N N 78  
DC  "C3'" "H3'"  sing N N 79  
DC  "O3'" "HO3'" sing N N 80  
DC  "C2'" "C1'"  sing N N 81  
DC  "C2'" "H2'"  sing N N 82  
DC  "C2'" "H2''" sing N N 83  
DC  "C1'" N1     sing N N 84  
DC  "C1'" "H1'"  sing N N 85  
DC  N1    C2     sing N N 86  
DC  N1    C6     sing N N 87  
DC  C2    O2     doub N N 88  
DC  C2    N3     sing N N 89  
DC  N3    C4     doub N N 90  
DC  C4    N4     sing N N 91  
DC  C4    C5     sing N N 92  
DC  N4    H41    sing N N 93  
DC  N4    H42    sing N N 94  
DC  C5    C6     doub N N 95  
DC  C5    H5     sing N N 96  
DC  C6    H6     sing N N 97  
DG  OP3   P      sing N N 98  
DG  OP3   HOP3   sing N N 99  
DG  P     OP1    doub N N 100 
DG  P     OP2    sing N N 101 
DG  P     "O5'"  sing N N 102 
DG  OP2   HOP2   sing N N 103 
DG  "O5'" "C5'"  sing N N 104 
DG  "C5'" "C4'"  sing N N 105 
DG  "C5'" "H5'"  sing N N 106 
DG  "C5'" "H5''" sing N N 107 
DG  "C4'" "O4'"  sing N N 108 
DG  "C4'" "C3'"  sing N N 109 
DG  "C4'" "H4'"  sing N N 110 
DG  "O4'" "C1'"  sing N N 111 
DG  "C3'" "O3'"  sing N N 112 
DG  "C3'" "C2'"  sing N N 113 
DG  "C3'" "H3'"  sing N N 114 
DG  "O3'" "HO3'" sing N N 115 
DG  "C2'" "C1'"  sing N N 116 
DG  "C2'" "H2'"  sing N N 117 
DG  "C2'" "H2''" sing N N 118 
DG  "C1'" N9     sing N N 119 
DG  "C1'" "H1'"  sing N N 120 
DG  N9    C8     sing Y N 121 
DG  N9    C4     sing Y N 122 
DG  C8    N7     doub Y N 123 
DG  C8    H8     sing N N 124 
DG  N7    C5     sing Y N 125 
DG  C5    C6     sing N N 126 
DG  C5    C4     doub Y N 127 
DG  C6    O6     doub N N 128 
DG  C6    N1     sing N N 129 
DG  N1    C2     sing N N 130 
DG  N1    H1     sing N N 131 
DG  C2    N2     sing N N 132 
DG  C2    N3     doub N N 133 
DG  N2    H21    sing N N 134 
DG  N2    H22    sing N N 135 
DG  N3    C4     sing N N 136 
DT  OP3   P      sing N N 137 
DT  OP3   HOP3   sing N N 138 
DT  P     OP1    doub N N 139 
DT  P     OP2    sing N N 140 
DT  P     "O5'"  sing N N 141 
DT  OP2   HOP2   sing N N 142 
DT  "O5'" "C5'"  sing N N 143 
DT  "C5'" "C4'"  sing N N 144 
DT  "C5'" "H5'"  sing N N 145 
DT  "C5'" "H5''" sing N N 146 
DT  "C4'" "O4'"  sing N N 147 
DT  "C4'" "C3'"  sing N N 148 
DT  "C4'" "H4'"  sing N N 149 
DT  "O4'" "C1'"  sing N N 150 
DT  "C3'" "O3'"  sing N N 151 
DT  "C3'" "C2'"  sing N N 152 
DT  "C3'" "H3'"  sing N N 153 
DT  "O3'" "HO3'" sing N N 154 
DT  "C2'" "C1'"  sing N N 155 
DT  "C2'" "H2'"  sing N N 156 
DT  "C2'" "H2''" sing N N 157 
DT  "C1'" N1     sing N N 158 
DT  "C1'" "H1'"  sing N N 159 
DT  N1    C2     sing N N 160 
DT  N1    C6     sing N N 161 
DT  C2    O2     doub N N 162 
DT  C2    N3     sing N N 163 
DT  N3    C4     sing N N 164 
DT  N3    H3     sing N N 165 
DT  C4    O4     doub N N 166 
DT  C4    C5     sing N N 167 
DT  C5    C7     sing N N 168 
DT  C5    C6     doub N N 169 
DT  C7    H71    sing N N 170 
DT  C7    H72    sing N N 171 
DT  C7    H73    sing N N 172 
DT  C6    H6     sing N N 173 
# 
loop_
_ndb_struct_conf_na.entry_id 
_ndb_struct_conf_na.feature 
1PG9 'double helix'        
1PG9 'b-form double helix' 
# 
loop_
_ndb_struct_na_base_pair.model_number 
_ndb_struct_na_base_pair.i_label_asym_id 
_ndb_struct_na_base_pair.i_label_comp_id 
_ndb_struct_na_base_pair.i_label_seq_id 
_ndb_struct_na_base_pair.i_symmetry 
_ndb_struct_na_base_pair.j_label_asym_id 
_ndb_struct_na_base_pair.j_label_comp_id 
_ndb_struct_na_base_pair.j_label_seq_id 
_ndb_struct_na_base_pair.j_symmetry 
_ndb_struct_na_base_pair.shear 
_ndb_struct_na_base_pair.stretch 
_ndb_struct_na_base_pair.stagger 
_ndb_struct_na_base_pair.buckle 
_ndb_struct_na_base_pair.propeller 
_ndb_struct_na_base_pair.opening 
_ndb_struct_na_base_pair.pair_number 
_ndb_struct_na_base_pair.pair_name 
_ndb_struct_na_base_pair.i_auth_asym_id 
_ndb_struct_na_base_pair.i_auth_seq_id 
_ndb_struct_na_base_pair.i_PDB_ins_code 
_ndb_struct_na_base_pair.j_auth_asym_id 
_ndb_struct_na_base_pair.j_auth_seq_id 
_ndb_struct_na_base_pair.j_PDB_ins_code 
_ndb_struct_na_base_pair.hbond_type_28 
_ndb_struct_na_base_pair.hbond_type_12 
1 A DC 1  1_555 B DG 12 1_555 0.506  -0.330 -0.026 0.145  -0.010 1.662  1  A_DC1:DG24_B  A 1  ? B 24 ? 19 1 
1 A DC 2  1_555 B DG 11 1_555 0.281  -0.240 -0.064 -3.048 1.579  2.725  2  A_DC2:DG23_B  A 2  ? B 23 ? 19 1 
1 A DT 3  1_555 B DA 10 1_555 0.048  -0.307 0.090  -4.488 -6.001 -2.255 3  A_DT3:DA22_B  A 3  ? B 22 ? 20 1 
1 A DC 4  1_555 B DG 9  1_555 -0.140 -0.177 0.044  -6.419 -5.475 -1.396 4  A_DC4:DG21_B  A 4  ? B 21 ? 19 1 
1 A DA 5  1_555 B DT 8  1_555 -0.122 -0.279 -0.031 2.218  -4.377 -1.235 5  A_DA5:DT20_B  A 5  ? B 20 ? 20 1 
1 A DG 6  1_555 B DC 7  1_555 -0.513 -0.361 0.122  10.590 -9.921 2.498  6  A_DG6:DC19_B  A 6  ? B 19 ? 19 1 
1 A DG 7  1_555 B DC 6  1_555 -0.667 -0.254 -0.007 -5.649 -0.508 6.423  7  A_DG7:DC18_B  A 7  ? B 18 ? 19 1 
1 A DC 8  1_555 B DG 5  1_555 0.302  -0.238 -0.033 -1.703 -4.115 -2.309 8  A_DC8:DG17_B  A 8  ? B 17 ? 19 1 
1 A DC 9  1_555 B DG 4  1_555 0.272  -0.165 -0.020 -5.072 -2.410 -5.200 9  A_DC9:DG16_B  A 9  ? B 16 ? 19 1 
1 A DT 10 1_555 B DA 3  1_555 0.112  -0.299 -0.013 2.492  0.288  -2.235 10 A_DT10:DA15_B A 10 ? B 15 ? 20 1 
1 A DC 11 1_555 B DG 2  1_555 -0.080 -0.124 0.005  1.697  -1.252 3.440  11 A_DC11:DG14_B A 11 ? B 14 ? 19 1 
1 A DC 12 1_555 B DG 1  1_555 0.079  -0.255 0.098  0.988  -0.581 2.258  12 A_DC12:DG13_B A 12 ? B 13 ? 19 1 
# 
loop_
_ndb_struct_na_base_pair_step.model_number 
_ndb_struct_na_base_pair_step.i_label_asym_id_1 
_ndb_struct_na_base_pair_step.i_label_comp_id_1 
_ndb_struct_na_base_pair_step.i_label_seq_id_1 
_ndb_struct_na_base_pair_step.i_symmetry_1 
_ndb_struct_na_base_pair_step.j_label_asym_id_1 
_ndb_struct_na_base_pair_step.j_label_comp_id_1 
_ndb_struct_na_base_pair_step.j_label_seq_id_1 
_ndb_struct_na_base_pair_step.j_symmetry_1 
_ndb_struct_na_base_pair_step.i_label_asym_id_2 
_ndb_struct_na_base_pair_step.i_label_comp_id_2 
_ndb_struct_na_base_pair_step.i_label_seq_id_2 
_ndb_struct_na_base_pair_step.i_symmetry_2 
_ndb_struct_na_base_pair_step.j_label_asym_id_2 
_ndb_struct_na_base_pair_step.j_label_comp_id_2 
_ndb_struct_na_base_pair_step.j_label_seq_id_2 
_ndb_struct_na_base_pair_step.j_symmetry_2 
_ndb_struct_na_base_pair_step.shift 
_ndb_struct_na_base_pair_step.slide 
_ndb_struct_na_base_pair_step.rise 
_ndb_struct_na_base_pair_step.tilt 
_ndb_struct_na_base_pair_step.roll 
_ndb_struct_na_base_pair_step.twist 
_ndb_struct_na_base_pair_step.x_displacement 
_ndb_struct_na_base_pair_step.y_displacement 
_ndb_struct_na_base_pair_step.helical_rise 
_ndb_struct_na_base_pair_step.inclination 
_ndb_struct_na_base_pair_step.tip 
_ndb_struct_na_base_pair_step.helical_twist 
_ndb_struct_na_base_pair_step.step_number 
_ndb_struct_na_base_pair_step.step_name 
_ndb_struct_na_base_pair_step.i_auth_asym_id_1 
_ndb_struct_na_base_pair_step.i_auth_seq_id_1 
_ndb_struct_na_base_pair_step.i_PDB_ins_code_1 
_ndb_struct_na_base_pair_step.j_auth_asym_id_1 
_ndb_struct_na_base_pair_step.j_auth_seq_id_1 
_ndb_struct_na_base_pair_step.j_PDB_ins_code_1 
_ndb_struct_na_base_pair_step.i_auth_asym_id_2 
_ndb_struct_na_base_pair_step.i_auth_seq_id_2 
_ndb_struct_na_base_pair_step.i_PDB_ins_code_2 
_ndb_struct_na_base_pair_step.j_auth_asym_id_2 
_ndb_struct_na_base_pair_step.j_auth_seq_id_2 
_ndb_struct_na_base_pair_step.j_PDB_ins_code_2 
1 A DC 1  1_555 B DG 12 1_555 A DC 2  1_555 B DG 11 1_555 0.012  0.517  4.222 -2.047 9.427  28.311 -1.577 -0.584 4.165 18.603  
4.040  29.877 1  AA_DC1DC2:DG23DG24_BB   A 1  ? B 24 ? A 2  ? B 23 ? 
1 A DC 2  1_555 B DG 11 1_555 A DT 3  1_555 B DA 10 1_555 -1.011 -1.067 3.556 -2.022 10.624 26.178 -4.742 1.581  2.973 22.284  
4.241  28.288 2  AA_DC2DT3:DA22DG23_BB   A 2  ? B 23 ? A 3  ? B 22 ? 
1 A DT 3  1_555 B DA 10 1_555 A DC 4  1_555 B DG 9  1_555 0.054  -0.394 3.115 1.547  6.953  35.189 -1.577 0.121  2.985 11.357  
-2.527 35.880 3  AA_DT3DC4:DG21DA22_BB   A 3  ? B 22 ? A 4  ? B 21 ? 
1 A DC 4  1_555 B DG 9  1_555 A DA 5  1_555 B DT 8  1_555 0.651  -0.251 3.406 -1.963 8.910  30.150 -2.170 -1.576 3.158 16.655  
3.670  31.470 4  AA_DC4DA5:DT20DG21_BB   A 4  ? B 21 ? A 5  ? B 20 ? 
1 A DA 5  1_555 B DT 8  1_555 A DG 6  1_555 B DC 7  1_555 0.198  -0.873 3.378 -3.096 4.015  22.345 -3.631 -1.604 3.119 10.192  
7.861  22.906 5  AA_DA5DG6:DC19DT20_BB   A 5  ? B 20 ? A 6  ? B 19 ? 
1 A DG 6  1_555 B DC 7  1_555 A DG 7  1_555 B DC 6  1_555 0.986  -1.260 3.606 -2.448 28.702 25.472 -5.311 -1.792 1.434 49.177  
4.195  38.274 6  AA_DG6DG7:DC18DC19_BB   A 6  ? B 19 ? A 7  ? B 18 ? 
1 A DG 7  1_555 B DC 6  1_555 A DC 8  1_555 B DG 5  1_555 -1.375 0.991  3.638 0.544  1.488  36.390 1.356  2.283  3.654 2.381   
-0.870 36.423 7  AA_DG7DC8:DG17DC18_BB   A 7  ? B 18 ? A 8  ? B 17 ? 
1 A DC 8  1_555 B DG 5  1_555 A DC 9  1_555 B DG 4  1_555 0.184  -1.100 3.244 -0.159 0.458  36.274 -1.831 -0.318 3.230 0.736   
0.256  36.277 8  AA_DC8DC9:DG16DG17_BB   A 8  ? B 17 ? A 9  ? B 16 ? 
1 A DC 9  1_555 B DG 4  1_555 A DT 10 1_555 B DA 3  1_555 0.614  -1.018 3.254 0.885  -7.868 27.236 -0.185 -1.041 3.425 -16.277 
-1.831 28.343 9  AA_DC9DT10:DA15DG16_BB  A 9  ? B 16 ? A 10 ? B 15 ? 
1 A DT 10 1_555 B DA 3  1_555 A DC 11 1_555 B DG 2  1_555 1.103  -0.572 3.155 5.134  8.070  38.348 -1.769 -1.047 3.093 12.057  
-7.671 39.480 10 AA_DT10DC11:DG14DA15_BB A 10 ? B 15 ? A 11 ? B 14 ? 
1 A DC 11 1_555 B DG 2  1_555 A DC 12 1_555 B DG 1  1_555 -0.832 0.750  3.591 -1.559 21.242 29.702 -2.309 1.073  3.408 36.169  
2.655  36.409 11 AA_DC11DC12:DG13DG14_BB A 11 ? B 14 ? A 12 ? B 13 ? 
# 
loop_
_pdbx_nmr_spectrometer.spectrometer_id 
_pdbx_nmr_spectrometer.type 
_pdbx_nmr_spectrometer.manufacturer 
_pdbx_nmr_spectrometer.model 
_pdbx_nmr_spectrometer.field_strength 
1 ? Varian UNITYPLUS 600 
2 ? Varian UNITYPLUS 800 
# 
_atom_sites.entry_id                    1PG9 
_atom_sites.fract_transf_matrix[1][1]   1.000000 
_atom_sites.fract_transf_matrix[1][2]   0.000000 
_atom_sites.fract_transf_matrix[1][3]   0.000000 
_atom_sites.fract_transf_matrix[2][1]   0.000000 
_atom_sites.fract_transf_matrix[2][2]   1.000000 
_atom_sites.fract_transf_matrix[2][3]   0.000000 
_atom_sites.fract_transf_matrix[3][1]   0.000000 
_atom_sites.fract_transf_matrix[3][2]   0.000000 
_atom_sites.fract_transf_matrix[3][3]   1.000000 
_atom_sites.fract_transf_vector[1]      0.00000 
_atom_sites.fract_transf_vector[2]      0.00000 
_atom_sites.fract_transf_vector[3]      0.00000 
# 
loop_
_atom_type.symbol 
C  
H  
N  
O  
P  
PT 
# 
loop_
_atom_site.group_PDB 
_atom_site.id 
_atom_site.type_symbol 
_atom_site.label_atom_id 
_atom_site.label_alt_id 
_atom_site.label_comp_id 
_atom_site.label_asym_id 
_atom_site.label_entity_id 
_atom_site.label_seq_id 
_atom_site.pdbx_PDB_ins_code 
_atom_site.Cartn_x 
_atom_site.Cartn_y 
_atom_site.Cartn_z 
_atom_site.occupancy 
_atom_site.B_iso_or_equiv 
_atom_site.pdbx_formal_charge 
_atom_site.auth_seq_id 
_atom_site.auth_comp_id 
_atom_site.auth_asym_id 
_atom_site.auth_atom_id 
_atom_site.pdbx_PDB_model_num 
ATOM   1   O  "O5'"  . DC  A 1 1  ? 12.794  -6.195  12.524  1.00 1.75 ? 1  DC  A "O5'"  1 
ATOM   2   C  "C5'"  . DC  A 1 1  ? 12.142  -7.044  13.475  1.00 1.81 ? 1  DC  A "C5'"  1 
ATOM   3   C  "C4'"  . DC  A 1 1  ? 10.647  -7.063  13.239  1.00 1.66 ? 1  DC  A "C4'"  1 
ATOM   4   O  "O4'"  . DC  A 1 1  ? 10.049  -6.113  14.148  1.00 1.56 ? 1  DC  A "O4'"  1 
ATOM   5   C  "C3'"  . DC  A 1 1  ? 10.204  -6.646  11.834  1.00 1.54 ? 1  DC  A "C3'"  1 
ATOM   6   O  "O3'"  . DC  A 1 1  ? 9.758   -7.789  11.092  1.00 1.63 ? 1  DC  A "O3'"  1 
ATOM   7   C  "C2'"  . DC  A 1 1  ? 9.038   -5.693  12.067  1.00 1.35 ? 1  DC  A "C2'"  1 
ATOM   8   C  "C1'"  . DC  A 1 1  ? 8.885   -5.562  13.568  1.00 1.37 ? 1  DC  A "C1'"  1 
ATOM   9   N  N1     . DC  A 1 1  ? 8.773   -4.171  14.019  1.00 1.26 ? 1  DC  A N1     1 
ATOM   10  C  C2     . DC  A 1 1  ? 7.813   -3.828  14.974  1.00 1.21 ? 1  DC  A C2     1 
ATOM   11  O  O2     . DC  A 1 1  ? 7.072   -4.712  15.427  1.00 1.24 ? 1  DC  A O2     1 
ATOM   12  N  N3     . DC  A 1 1  ? 7.716   -2.541  15.379  1.00 1.15 ? 1  DC  A N3     1 
ATOM   13  C  C4     . DC  A 1 1  ? 8.535   -1.618  14.867  1.00 1.14 ? 1  DC  A C4     1 
ATOM   14  N  N4     . DC  A 1 1  ? 8.405   -0.362  15.296  1.00 1.12 ? 1  DC  A N4     1 
ATOM   15  C  C5     . DC  A 1 1  ? 9.524   -1.944  13.893  1.00 1.18 ? 1  DC  A C5     1 
ATOM   16  C  C6     . DC  A 1 1  ? 9.603   -3.222  13.503  1.00 1.24 ? 1  DC  A C6     1 
ATOM   17  H  "H5'"  . DC  A 1 1  ? 12.336  -6.671  14.482  1.00 1.85 ? 1  DC  A "H5'"  1 
ATOM   18  H  "H5''" . DC  A 1 1  ? 12.538  -8.058  13.390  1.00 1.95 ? 1  DC  A "H5''" 1 
ATOM   19  H  "H4'"  . DC  A 1 1  ? 10.289  -8.086  13.390  1.00 1.75 ? 1  DC  A "H4'"  1 
ATOM   20  H  "H3'"  . DC  A 1 1  ? 11.020  -6.168  11.289  1.00 1.55 ? 1  DC  A "H3'"  1 
ATOM   21  H  "H2'"  . DC  A 1 1  ? 9.191   -4.730  11.581  1.00 1.27 ? 1  DC  A "H2'"  1 
ATOM   22  H  "H2''" . DC  A 1 1  ? 8.110   -6.107  11.696  1.00 1.31 ? 1  DC  A "H2''" 1 
ATOM   23  H  "H1'"  . DC  A 1 1  ? 8.021   -6.120  13.930  1.00 1.36 ? 1  DC  A "H1'"  1 
ATOM   24  H  H41    . DC  A 1 1  ? 7.703   -0.136  15.986  1.00 1.12 ? 1  DC  A H41    1 
ATOM   25  H  H42    . DC  A 1 1  ? 9.006   0.363   14.933  1.00 1.13 ? 1  DC  A H42    1 
ATOM   26  H  H5     . DC  A 1 1  ? 10.187  -1.184  13.483  1.00 1.18 ? 1  DC  A H5     1 
ATOM   27  H  H6     . DC  A 1 1  ? 10.340  -3.512  12.752  1.00 1.29 ? 1  DC  A H6     1 
ATOM   28  H  "HO5'" . DC  A 1 1  ? 12.300  -5.372  12.494  1.00 1.96 ? 1  DC  A "HO5'" 1 
ATOM   29  P  P      . DC  A 1 2  ? 9.008   -7.586  9.680   1.00 1.58 ? 2  DC  A P      1 
ATOM   30  O  OP1    . DC  A 1 2  ? 9.309   -8.776  8.844   1.00 1.81 ? 2  DC  A OP1    1 
ATOM   31  O  OP2    . DC  A 1 2  ? 9.323   -6.229  9.165   1.00 1.47 ? 2  DC  A OP2    1 
ATOM   32  O  "O5'"  . DC  A 1 2  ? 7.459   -7.625  10.054  1.00 1.43 ? 2  DC  A "O5'"  1 
ATOM   33  C  "C5'"  . DC  A 1 2  ? 6.950   -8.591  10.974  1.00 1.49 ? 2  DC  A "C5'"  1 
ATOM   34  C  "C4'"  . DC  A 1 2  ? 5.465   -8.404  11.174  1.00 1.29 ? 2  DC  A "C4'"  1 
ATOM   35  O  "O4'"  . DC  A 1 2  ? 5.255   -7.196  11.940  1.00 1.14 ? 2  DC  A "O4'"  1 
ATOM   36  C  "C3'"  . DC  A 1 2  ? 4.628   -8.266  9.900   1.00 1.25 ? 2  DC  A "C3'"  1 
ATOM   37  O  "O3'"  . DC  A 1 2  ? 3.424   -9.034  10.019  1.00 1.22 ? 2  DC  A "O3'"  1 
ATOM   38  C  "C2'"  . DC  A 1 2  ? 4.313   -6.782  9.823   1.00 1.08 ? 2  DC  A "C2'"  1 
ATOM   39  C  "C1'"  . DC  A 1 2  ? 4.385   -6.313  11.261  1.00 0.98 ? 2  DC  A "C1'"  1 
ATOM   40  N  N1     . DC  A 1 2  ? 4.934   -4.964  11.386  1.00 0.92 ? 2  DC  A N1     1 
ATOM   41  C  C2     . DC  A 1 2  ? 4.264   -4.010  12.150  1.00 0.79 ? 2  DC  A C2     1 
ATOM   42  O  O2     . DC  A 1 2  ? 3.213   -4.331  12.719  1.00 0.73 ? 2  DC  A O2     1 
ATOM   43  N  N3     . DC  A 1 2  ? 4.779   -2.762  12.247  1.00 0.75 ? 2  DC  A N3     1 
ATOM   44  C  C4     . DC  A 1 2  ? 5.914   -2.462  11.611  1.00 0.82 ? 2  DC  A C4     1 
ATOM   45  N  N4     . DC  A 1 2  ? 6.385   -1.220  11.731  1.00 0.79 ? 2  DC  A N4     1 
ATOM   46  C  C5     . DC  A 1 2  ? 6.616   -3.424  10.823  1.00 0.95 ? 2  DC  A C5     1 
ATOM   47  C  C6     . DC  A 1 2  ? 6.095   -4.650  10.747  1.00 1.00 ? 2  DC  A C6     1 
ATOM   48  H  "H5'"  . DC  A 1 2  ? 7.453   -8.478  11.935  1.00 1.51 ? 2  DC  A "H5'"  1 
ATOM   49  H  "H5''" . DC  A 1 2  ? 7.133   -9.594  10.591  1.00 1.69 ? 2  DC  A "H5''" 1 
ATOM   50  H  "H4'"  . DC  A 1 2  ? 5.098   -9.290  11.682  1.00 1.32 ? 2  DC  A "H4'"  1 
ATOM   51  H  "H3'"  . DC  A 1 2  ? 5.184   -8.611  9.028   1.00 1.39 ? 2  DC  A "H3'"  1 
ATOM   52  H  "H2'"  . DC  A 1 2  ? 5.022   -6.255  9.183   1.00 1.12 ? 2  DC  A "H2'"  1 
ATOM   53  H  "H2''" . DC  A 1 2  ? 3.316   -6.606  9.422   1.00 1.02 ? 2  DC  A "H2''" 1 
ATOM   54  H  "H1'"  . DC  A 1 2  ? 3.412   -6.348  11.745  1.00 0.88 ? 2  DC  A "H1'"  1 
ATOM   55  H  H41    . DC  A 1 2  ? 5.884   -0.544  12.291  1.00 0.72 ? 2  DC  A H41    1 
ATOM   56  H  H42    . DC  A 1 2  ? 7.239   -0.953  11.266  1.00 0.84 ? 2  DC  A H42    1 
ATOM   57  H  H5     . DC  A 1 2  ? 7.537   -3.170  10.303  1.00 1.02 ? 2  DC  A H5     1 
ATOM   58  H  H6     . DC  A 1 2  ? 6.610   -5.419  10.169  1.00 1.12 ? 2  DC  A H6     1 
ATOM   59  P  P      . DT  A 1 3  ? 2.217   -8.802  8.979   1.00 1.19 ? 3  DT  A P      1 
ATOM   60  O  OP1    . DT  A 1 3  ? 1.326   -9.988  9.033   1.00 1.29 ? 3  DT  A OP1    1 
ATOM   61  O  OP2    . DT  A 1 3  ? 2.809   -8.387  7.682   1.00 1.33 ? 3  DT  A OP2    1 
ATOM   62  O  "O5'"  . DT  A 1 3  ? 1.428   -7.556  9.583   1.00 0.94 ? 3  DT  A "O5'"  1 
ATOM   63  C  "C5'"  . DT  A 1 3  ? 0.868   -7.613  10.896  1.00 0.81 ? 3  DT  A "C5'"  1 
ATOM   64  C  "C4'"  . DT  A 1 3  ? -0.431  -6.843  10.955  1.00 0.72 ? 3  DT  A "C4'"  1 
ATOM   65  O  "O4'"  . DT  A 1 3  ? -0.150  -5.472  11.320  1.00 0.60 ? 3  DT  A "O4'"  1 
ATOM   66  C  "C3'"  . DT  A 1 3  ? -1.228  -6.776  9.651   1.00 0.84 ? 3  DT  A "C3'"  1 
ATOM   67  O  "O3'"  . DT  A 1 3  ? -2.633  -6.860  9.954   1.00 0.87 ? 3  DT  A "O3'"  1 
ATOM   68  C  "C2'"  . DT  A 1 3  ? -0.829  -5.431  9.070   1.00 0.80 ? 3  DT  A "C2'"  1 
ATOM   69  C  "C1'"  . DT  A 1 3  ? -0.599  -4.589  10.308  1.00 0.63 ? 3  DT  A "C1'"  1 
ATOM   70  N  N1     . DT  A 1 3  ? 0.421   -3.553  10.141  1.00 0.57 ? 3  DT  A N1     1 
ATOM   71  C  C2     . DT  A 1 3  ? 0.193   -2.301  10.659  1.00 0.47 ? 3  DT  A C2     1 
ATOM   72  O  O2     . DT  A 1 3  ? -0.830  -1.999  11.247  1.00 0.46 ? 3  DT  A O2     1 
ATOM   73  N  N3     . DT  A 1 3  ? 1.212   -1.412  10.461  1.00 0.42 ? 3  DT  A N3     1 
ATOM   74  C  C4     . DT  A 1 3  ? 2.398   -1.639  9.801   1.00 0.50 ? 3  DT  A C4     1 
ATOM   75  O  O4     . DT  A 1 3  ? 3.222   -0.734  9.702   1.00 0.48 ? 3  DT  A O4     1 
ATOM   76  C  C5     . DT  A 1 3  ? 2.562   -2.972  9.265   1.00 0.63 ? 3  DT  A C5     1 
ATOM   77  C  C7     . DT  A 1 3  ? 3.723   -3.243  8.363   1.00 0.76 ? 3  DT  A C7     1 
ATOM   78  C  C6     . DT  A 1 3  ? 1.580   -3.863  9.476   1.00 0.65 ? 3  DT  A C6     1 
ATOM   79  H  "H5'"  . DT  A 1 3  ? 1.568   -7.187  11.616  1.00 0.75 ? 3  DT  A "H5'"  1 
ATOM   80  H  "H5''" . DT  A 1 3  ? 0.676   -8.649  11.161  1.00 0.89 ? 3  DT  A "H5''" 1 
ATOM   81  H  "H4'"  . DT  A 1 3  ? -1.070  -7.348  11.676  1.00 0.70 ? 3  DT  A "H4'"  1 
ATOM   82  H  "H3'"  . DT  A 1 3  ? -0.954  -7.595  8.987   1.00 0.97 ? 3  DT  A "H3'"  1 
ATOM   83  H  "H2'"  . DT  A 1 3  ? 0.064   -5.513  8.455   1.00 0.85 ? 3  DT  A "H2'"  1 
ATOM   84  H  "H2''" . DT  A 1 3  ? -1.611  -5.013  8.447   1.00 0.87 ? 3  DT  A "H2''" 1 
ATOM   85  H  "H1'"  . DT  A 1 3  ? -1.521  -4.121  10.645  1.00 0.61 ? 3  DT  A "H1'"  1 
ATOM   86  H  H3     . DT  A 1 3  ? 1.070   -0.486  10.835  1.00 0.37 ? 3  DT  A H3     1 
ATOM   87  H  H71    . DT  A 1 3  ? 3.509   -4.112  7.742   1.00 1.16 ? 3  DT  A H71    1 
ATOM   88  H  H72    . DT  A 1 3  ? 4.611   -3.431  8.961   1.00 1.40 ? 3  DT  A H72    1 
ATOM   89  H  H73    . DT  A 1 3  ? 3.897   -2.375  7.725   1.00 1.14 ? 3  DT  A H73    1 
ATOM   90  H  H6     . DT  A 1 3  ? 1.707   -4.889  9.119   1.00 0.76 ? 3  DT  A H6     1 
ATOM   91  P  P      . DC  A 1 4  ? -3.712  -6.080  9.047   1.00 1.03 ? 4  DC  A P      1 
ATOM   92  O  OP1    . DC  A 1 4  ? -5.058  -6.590  9.405   1.00 1.16 ? 4  DC  A OP1    1 
ATOM   93  O  OP2    . DC  A 1 4  ? -3.257  -6.147  7.634   1.00 1.16 ? 4  DC  A OP2    1 
ATOM   94  O  "O5'"  . DC  A 1 4  ? -3.611  -4.568  9.544   1.00 0.94 ? 4  DC  A "O5'"  1 
ATOM   95  C  "C5'"  . DC  A 1 4  ? -4.204  -4.156  10.780  1.00 0.92 ? 4  DC  A "C5'"  1 
ATOM   96  C  "C4'"  . DC  A 1 4  ? -5.024  -2.902  10.579  1.00 0.93 ? 4  DC  A "C4'"  1 
ATOM   97  O  "O4'"  . DC  A 1 4  ? -4.130  -1.782  10.380  1.00 0.90 ? 4  DC  A "O4'"  1 
ATOM   98  C  "C3'"  . DC  A 1 4  ? -5.935  -2.910  9.354   1.00 1.00 ? 4  DC  A "C3'"  1 
ATOM   99  O  "O3'"  . DC  A 1 4  ? -7.070  -2.063  9.574   1.00 1.03 ? 4  DC  A "O3'"  1 
ATOM   100 C  "C2'"  . DC  A 1 4  ? -5.035  -2.344  8.271   1.00 0.98 ? 4  DC  A "C2'"  1 
ATOM   101 C  "C1'"  . DC  A 1 4  ? -4.226  -1.301  9.044   1.00 0.89 ? 4  DC  A "C1'"  1 
ATOM   102 N  N1     . DC  A 1 4  ? -2.850  -1.056  8.569   1.00 0.81 ? 4  DC  A N1     1 
ATOM   103 C  C2     . DC  A 1 4  ? -2.280  0.206   8.784   1.00 0.74 ? 4  DC  A C2     1 
ATOM   104 O  O2     . DC  A 1 4  ? -2.963  1.091   9.322   1.00 0.75 ? 4  DC  A O2     1 
ATOM   105 N  N3     . DC  A 1 4  ? -1.003  0.430   8.399   1.00 0.68 ? 4  DC  A N3     1 
ATOM   106 C  C4     . DC  A 1 4  ? -0.306  -0.541  7.809   1.00 0.70 ? 4  DC  A C4     1 
ATOM   107 N  N4     . DC  A 1 4  ? 0.947   -0.277  7.437   1.00 0.66 ? 4  DC  A N4     1 
ATOM   108 C  C5     . DC  A 1 4  ? -0.862  -1.829  7.566   1.00 0.78 ? 4  DC  A C5     1 
ATOM   109 C  C6     . DC  A 1 4  ? -2.125  -2.040  7.952   1.00 0.83 ? 4  DC  A C6     1 
ATOM   110 H  "H5'"  . DC  A 1 4  ? -3.421  -3.954  11.512  1.00 0.88 ? 4  DC  A "H5'"  1 
ATOM   111 H  "H5''" . DC  A 1 4  ? -4.850  -4.947  11.159  1.00 0.94 ? 4  DC  A "H5''" 1 
ATOM   112 H  "H4'"  . DC  A 1 4  ? -5.671  -2.787  11.450  1.00 0.94 ? 4  DC  A "H4'"  1 
ATOM   113 H  "H3'"  . DC  A 1 4  ? -6.277  -3.920  9.122   1.00 1.04 ? 4  DC  A "H3'"  1 
ATOM   114 H  "H2'"  . DC  A 1 4  ? -4.408  -3.120  7.840   1.00 0.97 ? 4  DC  A "H2'"  1 
ATOM   115 H  "H2''" . DC  A 1 4  ? -5.618  -1.917  7.460   1.00 1.04 ? 4  DC  A "H2''" 1 
ATOM   116 H  "H1'"  . DC  A 1 4  ? -4.754  -0.346  9.075   1.00 0.90 ? 4  DC  A "H1'"  1 
ATOM   117 H  H41    . DC  A 1 4  ? 1.378   0.615   7.617   1.00 0.60 ? 4  DC  A H41    1 
ATOM   118 H  H42    . DC  A 1 4  ? 1.484   -0.997  6.985   1.00 0.69 ? 4  DC  A H42    1 
ATOM   119 H  H5     . DC  A 1 4  ? -0.278  -2.615  7.088   1.00 0.82 ? 4  DC  A H5     1 
ATOM   120 H  H6     . DC  A 1 4  ? -2.580  -3.009  7.769   1.00 0.90 ? 4  DC  A H6     1 
ATOM   121 P  P      . DA  A 1 5  ? -8.198  -1.926  8.435   1.00 1.13 ? 5  DA  A P      1 
ATOM   122 O  OP1    . DA  A 1 5  ? -9.493  -1.689  9.122   1.00 1.31 ? 5  DA  A OP1    1 
ATOM   123 O  OP2    . DA  A 1 5  ? -8.065  -3.068  7.495   1.00 1.33 ? 5  DA  A OP2    1 
ATOM   124 O  "O5'"  . DA  A 1 5  ? -7.800  -0.594  7.657   1.00 0.91 ? 5  DA  A "O5'"  1 
ATOM   125 C  "C5'"  . DA  A 1 5  ? -7.496  0.609   8.366   1.00 0.81 ? 5  DA  A "C5'"  1 
ATOM   126 C  "C4'"  . DA  A 1 5  ? -7.092  1.700   7.401   1.00 0.66 ? 5  DA  A "C4'"  1 
ATOM   127 O  "O4'"  . DA  A 1 5  ? -5.658  1.699   7.276   1.00 0.63 ? 5  DA  A "O4'"  1 
ATOM   128 C  "C3'"  . DA  A 1 5  ? -7.635  1.575   5.974   1.00 0.63 ? 5  DA  A "C3'"  1 
ATOM   129 O  "O3'"  . DA  A 1 5  ? -8.707  2.512   5.791   1.00 0.76 ? 5  DA  A "O3'"  1 
ATOM   130 C  "C2'"  . DA  A 1 5  ? -6.443  1.921   5.083   1.00 0.61 ? 5  DA  A "C2'"  1 
ATOM   131 C  "C1'"  . DA  A 1 5  ? -5.328  2.298   6.046   1.00 0.60 ? 5  DA  A "C1'"  1 
ATOM   132 N  N9     . DA  A 1 5  ? -4.026  1.788   5.644   1.00 0.56 ? 5  DA  A N9     1 
ATOM   133 C  C8     . DA  A 1 5  ? -3.784  0.508   5.255   1.00 0.55 ? 5  DA  A C8     1 
ATOM   134 N  N7     . DA  A 1 5  ? -2.529  0.269   4.956   1.00 0.53 ? 5  DA  A N7     1 
ATOM   135 C  C5     . DA  A 1 5  ? -1.905  1.493   5.157   1.00 0.51 ? 5  DA  A C5     1 
ATOM   136 C  C6     . DA  A 1 5  ? -0.574  1.918   5.006   1.00 0.49 ? 5  DA  A C6     1 
ATOM   137 N  N6     . DA  A 1 5  ? 0.419   1.125   4.605   1.00 0.48 ? 5  DA  A N6     1 
ATOM   138 N  N1     . DA  A 1 5  ? -0.294  3.208   5.283   1.00 0.50 ? 5  DA  A N1     1 
ATOM   139 C  C2     . DA  A 1 5  ? -1.289  4.009   5.687   1.00 0.53 ? 5  DA  A C2     1 
ATOM   140 N  N3     . DA  A 1 5  ? -2.576  3.730   5.860   1.00 0.55 ? 5  DA  A N3     1 
ATOM   141 C  C4     . DA  A 1 5  ? -2.821  2.440   5.576   1.00 0.54 ? 5  DA  A C4     1 
ATOM   142 H  "H5'"  . DA  A 1 5  ? -6.676  0.426   9.061   1.00 0.87 ? 5  DA  A "H5'"  1 
ATOM   143 H  "H5''" . DA  A 1 5  ? -8.373  0.934   8.929   1.00 0.90 ? 5  DA  A "H5''" 1 
ATOM   144 H  "H4'"  . DA  A 1 5  ? -7.477  2.637   7.790   1.00 0.72 ? 5  DA  A "H4'"  1 
ATOM   145 H  "H3'"  . DA  A 1 5  ? -8.010  0.567   5.784   1.00 0.63 ? 5  DA  A "H3'"  1 
ATOM   146 H  "H2'"  . DA  A 1 5  ? -6.165  1.082   4.442   1.00 0.60 ? 5  DA  A "H2'"  1 
ATOM   147 H  "H2''" . DA  A 1 5  ? -6.663  2.761   4.432   1.00 0.64 ? 5  DA  A "H2''" 1 
ATOM   148 H  "H1'"  . DA  A 1 5  ? -5.260  3.378   6.192   1.00 0.62 ? 5  DA  A "H1'"  1 
ATOM   149 H  H8     . DA  A 1 5  ? -4.567  -0.230  5.187   1.00 0.57 ? 5  DA  A H8     1 
ATOM   150 H  H61    . DA  A 1 5  ? 1.358   1.495   4.545   1.00 0.47 ? 5  DA  A H61    1 
ATOM   151 H  H62    . DA  A 1 5  ? 0.242   0.156   4.386   1.00 0.49 ? 5  DA  A H62    1 
ATOM   152 H  H2     . DA  A 1 5  ? -1.001  5.034   5.913   1.00 0.55 ? 5  DA  A H2     1 
ATOM   153 P  P      . DG  A 1 6  ? -9.116  2.991   4.309   1.00 0.87 ? 6  DG  A P      1 
ATOM   154 O  OP1    . DG  A 1 6  ? -10.394 3.736   4.420   1.00 1.08 ? 6  DG  A OP1    1 
ATOM   155 O  OP2    . DG  A 1 6  ? -9.022  1.823   3.394   1.00 0.83 ? 6  DG  A OP2    1 
ATOM   156 O  "O5'"  . DG  A 1 6  ? -7.970  4.027   3.915   1.00 0.85 ? 6  DG  A "O5'"  1 
ATOM   157 C  "C5'"  . DG  A 1 6  ? -7.691  5.167   4.734   1.00 0.89 ? 6  DG  A "C5'"  1 
ATOM   158 C  "C4'"  . DG  A 1 6  ? -6.635  6.032   4.083   1.00 0.83 ? 6  DG  A "C4'"  1 
ATOM   159 O  "O4'"  . DG  A 1 6  ? -5.394  5.286   3.971   1.00 0.77 ? 6  DG  A "O4'"  1 
ATOM   160 C  "C3'"  . DG  A 1 6  ? -6.983  6.492   2.661   1.00 0.79 ? 6  DG  A "C3'"  1 
ATOM   161 O  "O3'"  . DG  A 1 6  ? -6.888  7.918   2.568   1.00 0.80 ? 6  DG  A "O3'"  1 
ATOM   162 C  "C2'"  . DG  A 1 6  ? -5.933  5.828   1.783   1.00 0.70 ? 6  DG  A "C2'"  1 
ATOM   163 C  "C1'"  . DG  A 1 6  ? -4.785  5.619   2.741   1.00 0.70 ? 6  DG  A "C1'"  1 
ATOM   164 N  N9     . DG  A 1 6  ? -3.869  4.544   2.370   1.00 0.63 ? 6  DG  A N9     1 
ATOM   165 C  C8     . DG  A 1 6  ? -4.186  3.235   2.106   1.00 0.61 ? 6  DG  A C8     1 
ATOM   166 N  N7     . DG  A 1 6  ? -3.151  2.506   1.799   1.00 0.56 ? 6  DG  A N7     1 
ATOM   167 C  C5     . DG  A 1 6  ? -2.081  3.387   1.869   1.00 0.55 ? 6  DG  A C5     1 
ATOM   168 C  C6     . DG  A 1 6  ? -0.704  3.170   1.628   1.00 0.52 ? 6  DG  A C6     1 
ATOM   169 O  O6     . DG  A 1 6  ? -0.134  2.118   1.318   1.00 0.49 ? 6  DG  A O6     1 
ATOM   170 N  N1     . DG  A 1 6  ? 0.032   4.339   1.780   1.00 0.54 ? 6  DG  A N1     1 
ATOM   171 C  C2     . DG  A 1 6  ? -0.492  5.559   2.126   1.00 0.58 ? 6  DG  A C2     1 
ATOM   172 N  N2     . DG  A 1 6  ? 0.379   6.570   2.223   1.00 0.61 ? 6  DG  A N2     1 
ATOM   173 N  N3     . DG  A 1 6  ? -1.776  5.775   2.358   1.00 0.62 ? 6  DG  A N3     1 
ATOM   174 C  C4     . DG  A 1 6  ? -2.508  4.651   2.209   1.00 0.60 ? 6  DG  A C4     1 
ATOM   175 H  "H5'"  . DG  A 1 6  ? -7.335  4.842   5.713   1.00 0.92 ? 6  DG  A "H5'"  1 
ATOM   176 H  "H5''" . DG  A 1 6  ? -8.600  5.754   4.864   1.00 0.95 ? 6  DG  A "H5''" 1 
ATOM   177 H  "H4'"  . DG  A 1 6  ? -6.542  6.936   4.688   1.00 0.87 ? 6  DG  A "H4'"  1 
ATOM   178 H  "H3'"  . DG  A 1 6  ? -7.992  6.183   2.389   1.00 0.81 ? 6  DG  A "H3'"  1 
ATOM   179 H  "H2'"  . DG  A 1 6  ? -6.301  4.892   1.368   1.00 0.69 ? 6  DG  A "H2'"  1 
ATOM   180 H  "H2''" . DG  A 1 6  ? -5.645  6.468   0.947   1.00 0.67 ? 6  DG  A "H2''" 1 
ATOM   181 H  "H1'"  . DG  A 1 6  ? -4.210  6.538   2.881   1.00 0.70 ? 6  DG  A "H1'"  1 
ATOM   182 H  H8     . DG  A 1 6  ? -5.194  2.853   2.126   1.00 0.64 ? 6  DG  A H8     1 
ATOM   183 H  H1     . DG  A 1 6  ? 1.027   4.274   1.624   1.00 0.52 ? 6  DG  A H1     1 
ATOM   184 H  H21    . DG  A 1 6  ? 1.362   6.418   2.034   1.00 0.59 ? 6  DG  A H21    1 
ATOM   185 H  H22    . DG  A 1 6  ? 0.050   7.491   2.475   1.00 0.64 ? 6  DG  A H22    1 
ATOM   186 P  P      . DG  A 1 7  ? -7.127  8.644   1.152   1.00 0.75 ? 7  DG  A P      1 
ATOM   187 O  OP1    . DG  A 1 7  ? -6.838  10.091  1.316   1.00 0.80 ? 7  DG  A OP1    1 
ATOM   188 O  OP2    . DG  A 1 7  ? -8.459  8.215   0.653   1.00 0.84 ? 7  DG  A OP2    1 
ATOM   189 O  "O5'"  . DG  A 1 7  ? -6.017  8.010   0.200   1.00 0.58 ? 7  DG  A "O5'"  1 
ATOM   190 C  "C5'"  . DG  A 1 7  ? -4.705  8.571   0.121   1.00 0.54 ? 7  DG  A "C5'"  1 
ATOM   191 C  "C4'"  . DG  A 1 7  ? -4.066  8.221   -1.202  1.00 0.40 ? 7  DG  A "C4'"  1 
ATOM   192 O  "O4'"  . DG  A 1 7  ? -3.207  7.070   -1.022  1.00 0.38 ? 7  DG  A "O4'"  1 
ATOM   193 C  "C3'"  . DG  A 1 7  ? -5.047  7.852   -2.322  1.00 0.34 ? 7  DG  A "C3'"  1 
ATOM   194 O  "O3'"  . DG  A 1 7  ? -4.870  8.731   -3.437  1.00 0.38 ? 7  DG  A "O3'"  1 
ATOM   195 C  "C2'"  . DG  A 1 7  ? -4.679  6.424   -2.702  1.00 0.31 ? 7  DG  A "C2'"  1 
ATOM   196 C  "C1'"  . DG  A 1 7  ? -3.256  6.283   -2.190  1.00 0.30 ? 7  DG  A "C1'"  1 
ATOM   197 N  N9     . DG  A 1 7  ? -2.816  4.932   -1.839  1.00 0.30 ? 7  DG  A N9     1 
ATOM   198 C  C8     . DG  A 1 7  ? -3.521  3.945   -1.189  1.00 0.32 ? 7  DG  A C8     1 
ATOM   199 N  N7     . DG  A 1 7  ? -2.832  2.848   -1.020  1.00 0.33 ? 7  DG  A N7     1 
ATOM   200 C  C5     . DG  A 1 7  ? -1.599  3.127   -1.592  1.00 0.31 ? 7  DG  A C5     1 
ATOM   201 C  C6     . DG  A 1 7  ? -0.437  2.322   -1.710  1.00 0.33 ? 7  DG  A C6     1 
ATOM   202 O  O6     . DG  A 1 7  ? -0.263  1.160   -1.325  1.00 0.35 ? 7  DG  A O6     1 
ATOM   203 N  N1     . DG  A 1 7  ? 0.593   3.002   -2.352  1.00 0.32 ? 7  DG  A N1     1 
ATOM   204 C  C2     . DG  A 1 7  ? 0.511   4.288   -2.828  1.00 0.31 ? 7  DG  A C2     1 
ATOM   205 N  N2     . DG  A 1 7  ? 1.602   4.775   -3.424  1.00 0.33 ? 7  DG  A N2     1 
ATOM   206 N  N3     . DG  A 1 7  ? -0.566  5.045   -2.730  1.00 0.30 ? 7  DG  A N3     1 
ATOM   207 C  C4     . DG  A 1 7  ? -1.574  4.408   -2.102  1.00 0.30 ? 7  DG  A C4     1 
ATOM   208 H  "H5'"  . DG  A 1 7  ? -4.089  8.175   0.930   1.00 0.61 ? 7  DG  A "H5'"  1 
ATOM   209 H  "H5''" . DG  A 1 7  ? -4.763  9.655   0.214   1.00 0.59 ? 7  DG  A "H5''" 1 
ATOM   210 H  "H4'"  . DG  A 1 7  ? -3.527  9.110   -1.543  1.00 0.43 ? 7  DG  A "H4'"  1 
ATOM   211 H  "H3'"  . DG  A 1 7  ? -6.078  7.924   -1.974  1.00 0.39 ? 7  DG  A "H3'"  1 
ATOM   212 H  "H2'"  . DG  A 1 7  ? -5.356  5.711   -2.248  1.00 0.33 ? 7  DG  A "H2'"  1 
ATOM   213 H  "H2''" . DG  A 1 7  ? -4.736  6.277   -3.775  1.00 0.32 ? 7  DG  A "H2''" 1 
ATOM   214 H  "H1'"  . DG  A 1 7  ? -2.541  6.702   -2.906  1.00 0.31 ? 7  DG  A "H1'"  1 
ATOM   215 H  H8     . DG  A 1 7  ? -4.534  4.063   -0.844  1.00 0.33 ? 7  DG  A H8     1 
ATOM   216 H  H1     . DG  A 1 7  ? 1.466   2.505   -2.475  1.00 0.34 ? 7  DG  A H1     1 
ATOM   217 H  H21    . DG  A 1 7  ? 2.441   4.211   -3.496  1.00 0.34 ? 7  DG  A H21    1 
ATOM   218 H  H22    . DG  A 1 7  ? 1.593   5.716   -3.793  1.00 0.34 ? 7  DG  A H22    1 
ATOM   219 P  P      . DC  A 1 8  ? -5.965  8.761   -4.616  1.00 0.45 ? 8  DC  A P      1 
ATOM   220 O  OP1    . DC  A 1 8  ? -6.734  10.026  -4.503  1.00 0.53 ? 8  DC  A OP1    1 
ATOM   221 O  OP2    . DC  A 1 8  ? -6.685  7.460   -4.602  1.00 0.43 ? 8  DC  A OP2    1 
ATOM   222 O  "O5'"  . DC  A 1 8  ? -5.090  8.820   -5.946  1.00 0.52 ? 8  DC  A "O5'"  1 
ATOM   223 C  "C5'"  . DC  A 1 8  ? -4.302  9.973   -6.254  1.00 0.57 ? 8  DC  A "C5'"  1 
ATOM   224 C  "C4'"  . DC  A 1 8  ? -3.030  9.568   -6.963  1.00 0.55 ? 8  DC  A "C4'"  1 
ATOM   225 O  "O4'"  . DC  A 1 8  ? -2.511  8.362   -6.349  1.00 0.51 ? 8  DC  A "O4'"  1 
ATOM   226 C  "C3'"  . DC  A 1 8  ? -3.184  9.259   -8.455  1.00 0.56 ? 8  DC  A "C3'"  1 
ATOM   227 O  "O3'"  . DC  A 1 8  ? -2.126  9.885   -9.190  1.00 0.59 ? 8  DC  A "O3'"  1 
ATOM   228 C  "C2'"  . DC  A 1 8  ? -3.079  7.744   -8.535  1.00 0.49 ? 8  DC  A "C2'"  1 
ATOM   229 C  "C1'"  . DC  A 1 8  ? -2.210  7.397   -7.341  1.00 0.46 ? 8  DC  A "C1'"  1 
ATOM   230 N  N1     . DC  A 1 8  ? -2.471  6.069   -6.763  1.00 0.41 ? 8  DC  A N1     1 
ATOM   231 C  C2     . DC  A 1 8  ? -1.433  5.130   -6.709  1.00 0.37 ? 8  DC  A C2     1 
ATOM   232 O  O2     . DC  A 1 8  ? -0.325  5.430   -7.172  1.00 0.39 ? 8  DC  A O2     1 
ATOM   233 N  N3     . DC  A 1 8  ? -1.669  3.920   -6.155  1.00 0.33 ? 8  DC  A N3     1 
ATOM   234 C  C4     . DC  A 1 8  ? -2.879  3.633   -5.668  1.00 0.32 ? 8  DC  A C4     1 
ATOM   235 N  N4     . DC  A 1 8  ? -3.064  2.431   -5.126  1.00 0.30 ? 8  DC  A N4     1 
ATOM   236 C  C5     . DC  A 1 8  ? -3.953  4.568   -5.716  1.00 0.36 ? 8  DC  A C5     1 
ATOM   237 C  C6     . DC  A 1 8  ? -3.708  5.760   -6.275  1.00 0.40 ? 8  DC  A C6     1 
ATOM   238 H  "H5'"  . DC  A 1 8  ? -4.043  10.496  -5.333  1.00 0.59 ? 8  DC  A "H5'"  1 
ATOM   239 H  "H5''" . DC  A 1 8  ? -4.871  10.644  -6.896  1.00 0.62 ? 8  DC  A "H5''" 1 
ATOM   240 H  "H4'"  . DC  A 1 8  ? -2.339  10.411  -6.895  1.00 0.57 ? 8  DC  A "H4'"  1 
ATOM   241 H  "H3'"  . DC  A 1 8  ? -4.141  9.623   -8.833  1.00 0.59 ? 8  DC  A "H3'"  1 
ATOM   242 H  "H2'"  . DC  A 1 8  ? -4.059  7.270   -8.484  1.00 0.48 ? 8  DC  A "H2'"  1 
ATOM   243 H  "H2''" . DC  A 1 8  ? -2.621  7.430   -9.470  1.00 0.48 ? 8  DC  A "H2''" 1 
ATOM   244 H  "H1'"  . DC  A 1 8  ? -1.148  7.475   -7.580  1.00 0.46 ? 8  DC  A "H1'"  1 
ATOM   245 H  H41    . DC  A 1 8  ? -2.302  1.770   -5.100  1.00 0.29 ? 8  DC  A H41    1 
ATOM   246 H  H42    . DC  A 1 8  ? -3.964  2.178   -4.749  1.00 0.30 ? 8  DC  A H42    1 
ATOM   247 H  H5     . DC  A 1 8  ? -4.936  4.321   -5.317  1.00 0.36 ? 8  DC  A H5     1 
ATOM   248 H  H6     . DC  A 1 8  ? -4.511  6.492   -6.349  1.00 0.43 ? 8  DC  A H6     1 
ATOM   249 P  P      . DC  A 1 9  ? -1.996  9.641   -10.775 1.00 0.59 ? 9  DC  A P      1 
ATOM   250 O  OP1    . DC  A 1 9  ? -1.326  10.824  -11.374 1.00 0.64 ? 9  DC  A OP1    1 
ATOM   251 O  OP2    . DC  A 1 9  ? -3.326  9.217   -11.283 1.00 0.60 ? 9  DC  A OP2    1 
ATOM   252 O  "O5'"  . DC  A 1 9  ? -1.007  8.397   -10.889 1.00 0.53 ? 9  DC  A "O5'"  1 
ATOM   253 C  "C5'"  . DC  A 1 9  ? 0.183   8.327   -10.098 1.00 0.51 ? 9  DC  A "C5'"  1 
ATOM   254 C  "C4'"  . DC  A 1 9  ? 1.060   7.191   -10.573 1.00 0.46 ? 9  DC  A "C4'"  1 
ATOM   255 O  "O4'"  . DC  A 1 9  ? 0.721   5.996   -9.826  1.00 0.41 ? 9  DC  A "O4'"  1 
ATOM   256 C  "C3'"  . DC  A 1 9  ? 0.896   6.838   -12.053 1.00 0.46 ? 9  DC  A "C3'"  1 
ATOM   257 O  "O3'"  . DC  A 1 9  ? 2.178   6.644   -12.659 1.00 0.46 ? 9  DC  A "O3'"  1 
ATOM   258 C  "C2'"  . DC  A 1 9  ? 0.091   5.548   -12.034 1.00 0.43 ? 9  DC  A "C2'"  1 
ATOM   259 C  "C1'"  . DC  A 1 9  ? 0.479   4.917   -10.710 1.00 0.39 ? 9  DC  A "C1'"  1 
ATOM   260 N  N1     . DC  A 1 9  ? -0.545  4.053   -10.093 1.00 0.37 ? 9  DC  A N1     1 
ATOM   261 C  C2     . DC  A 1 9  ? -0.191  2.753   -9.705  1.00 0.34 ? 9  DC  A C2     1 
ATOM   262 O  O2     . DC  A 1 9  ? 0.965   2.353   -9.915  1.00 0.34 ? 9  DC  A O2     1 
ATOM   263 N  N3     . DC  A 1 9  ? -1.117  1.965   -9.112  1.00 0.33 ? 9  DC  A N3     1 
ATOM   264 C  C4     . DC  A 1 9  ? -2.351  2.428   -8.904  1.00 0.34 ? 9  DC  A C4     1 
ATOM   265 N  N4     . DC  A 1 9  ? -3.230  1.617   -8.319  1.00 0.34 ? 9  DC  A N4     1 
ATOM   266 C  C5     . DC  A 1 9  ? -2.739  3.744   -9.289  1.00 0.37 ? 9  DC  A C5     1 
ATOM   267 C  C6     . DC  A 1 9  ? -1.816  4.510   -9.883  1.00 0.39 ? 9  DC  A C6     1 
ATOM   268 H  "H5'"  . DC  A 1 9  ? -0.079  8.162   -9.054  1.00 0.50 ? 9  DC  A "H5'"  1 
ATOM   269 H  "H5''" . DC  A 1 9  ? 0.735   9.262   -10.184 1.00 0.56 ? 9  DC  A "H5''" 1 
ATOM   270 H  "H4'"  . DC  A 1 9  ? 2.098   7.501   -10.440 1.00 0.48 ? 9  DC  A "H4'"  1 
ATOM   271 H  "H3'"  . DC  A 1 9  ? 0.370   7.631   -12.585 1.00 0.49 ? 9  DC  A "H3'"  1 
ATOM   272 H  "H2'"  . DC  A 1 9  ? -0.974  5.756   -12.097 1.00 0.44 ? 9  DC  A "H2'"  1 
ATOM   273 H  "H2''" . DC  A 1 9  ? 0.350   4.906   -12.876 1.00 0.43 ? 9  DC  A "H2''" 1 
ATOM   274 H  "H1'"  . DC  A 1 9  ? 1.403   4.346   -10.802 1.00 0.38 ? 9  DC  A "H1'"  1 
ATOM   275 H  H41    . DC  A 1 9  ? -2.953  0.683   -8.055  1.00 0.33 ? 9  DC  A H41    1 
ATOM   276 H  H42    . DC  A 1 9  ? -4.173  1.927   -8.146  1.00 0.35 ? 9  DC  A H42    1 
ATOM   277 H  H5     . DC  A 1 9  ? -3.746  4.116   -9.097  1.00 0.39 ? 9  DC  A H5     1 
ATOM   278 H  H6     . DC  A 1 9  ? -2.088  5.512   -10.209 1.00 0.41 ? 9  DC  A H6     1 
ATOM   279 P  P      . DT  A 1 10 ? 2.282   6.374   -14.242 1.00 0.48 ? 10 DT  A P      1 
ATOM   280 O  OP1    . DT  A 1 10 ? 3.461   7.111   -14.764 1.00 0.52 ? 10 DT  A OP1    1 
ATOM   281 O  OP2    . DT  A 1 10 ? 0.942   6.615   -14.838 1.00 0.50 ? 10 DT  A OP2    1 
ATOM   282 O  "O5'"  . DT  A 1 10 ? 2.587   4.814   -14.333 1.00 0.45 ? 10 DT  A "O5'"  1 
ATOM   283 C  "C5'"  . DT  A 1 10 ? 3.201   4.125   -13.243 1.00 0.43 ? 10 DT  A "C5'"  1 
ATOM   284 C  "C4'"  . DT  A 1 10 ? 3.014   2.633   -13.392 1.00 0.42 ? 10 DT  A "C4'"  1 
ATOM   285 O  "O4'"  . DT  A 1 10 ? 1.877   2.217   -12.607 1.00 0.40 ? 10 DT  A "O4'"  1 
ATOM   286 C  "C3'"  . DT  A 1 10 ? 2.732   2.151   -14.819 1.00 0.44 ? 10 DT  A "C3'"  1 
ATOM   287 O  "O3'"  . DT  A 1 10 ? 3.881   1.464   -15.335 1.00 0.46 ? 10 DT  A "O3'"  1 
ATOM   288 C  "C2'"  . DT  A 1 10 ? 1.551   1.197   -14.666 1.00 0.44 ? 10 DT  A "C2'"  1 
ATOM   289 C  "C1'"  . DT  A 1 10 ? 1.409   1.017   -13.171 1.00 0.40 ? 10 DT  A "C1'"  1 
ATOM   290 N  N1     . DT  A 1 10 ? 0.026   0.796   -12.724 1.00 0.40 ? 10 DT  A N1     1 
ATOM   291 C  C2     . DT  A 1 10 ? -0.259  -0.373  -12.063 1.00 0.39 ? 10 DT  A C2     1 
ATOM   292 O  O2     . DT  A 1 10 ? 0.585   -1.211  -11.802 1.00 0.39 ? 10 DT  A O2     1 
ATOM   293 N  N3     . DT  A 1 10 ? -1.573  -0.528  -11.717 1.00 0.39 ? 10 DT  A N3     1 
ATOM   294 C  C4     . DT  A 1 10 ? -2.607  0.348   -11.963 1.00 0.41 ? 10 DT  A C4     1 
ATOM   295 O  O4     . DT  A 1 10 ? -3.743  0.069   -11.590 1.00 0.42 ? 10 DT  A O4     1 
ATOM   296 C  C5     . DT  A 1 10 ? -2.239  1.561   -12.660 1.00 0.42 ? 10 DT  A C5     1 
ATOM   297 C  C7     . DT  A 1 10 ? -3.327  2.492   -13.101 1.00 0.45 ? 10 DT  A C7     1 
ATOM   298 C  C6     . DT  A 1 10 ? -0.947  1.735   -12.989 1.00 0.41 ? 10 DT  A C6     1 
ATOM   299 H  "H5'"  . DT  A 1 10 ? 2.749   4.448   -12.305 1.00 0.42 ? 10 DT  A "H5'"  1 
ATOM   300 H  "H5''" . DT  A 1 10 ? 4.268   4.350   -13.220 1.00 0.44 ? 10 DT  A "H5''" 1 
ATOM   301 H  "H4'"  . DT  A 1 10 ? 3.944   2.156   -13.082 1.00 0.42 ? 10 DT  A "H4'"  1 
ATOM   302 H  "H3'"  . DT  A 1 10 ? 2.495   2.991   -15.473 1.00 0.46 ? 10 DT  A "H3'"  1 
ATOM   303 H  "H2'"  . DT  A 1 10 ? 0.644   1.597   -15.121 1.00 0.45 ? 10 DT  A "H2'"  1 
ATOM   304 H  "H2''" . DT  A 1 10 ? 1.752   0.234   -15.128 1.00 0.45 ? 10 DT  A "H2''" 1 
ATOM   305 H  "H1'"  . DT  A 1 10 ? 2.034   0.199   -12.807 1.00 0.40 ? 10 DT  A "H1'"  1 
ATOM   306 H  H3     . DT  A 1 10 ? -1.807  -1.379  -11.226 1.00 0.39 ? 10 DT  A H3     1 
ATOM   307 H  H71    . DT  A 1 10 ? -2.960  3.129   -13.905 1.00 1.08 ? 10 DT  A H71    1 
ATOM   308 H  H72    . DT  A 1 10 ? -3.641  3.109   -12.261 1.00 1.09 ? 10 DT  A H72    1 
ATOM   309 H  H73    . DT  A 1 10 ? -4.177  1.912   -13.459 1.00 1.14 ? 10 DT  A H73    1 
ATOM   310 H  H6     . DT  A 1 10 ? -0.646  2.664   -13.476 1.00 0.43 ? 10 DT  A H6     1 
ATOM   311 P  P      . DC  A 1 11 ? 3.739   0.524   -16.634 1.00 0.49 ? 11 DC  A P      1 
ATOM   312 O  OP1    . DC  A 1 11 ? 5.110   0.240   -17.131 1.00 0.52 ? 11 DC  A OP1    1 
ATOM   313 O  OP2    . DC  A 1 11 ? 2.739   1.132   -17.549 1.00 0.51 ? 11 DC  A OP2    1 
ATOM   314 O  "O5'"  . DC  A 1 11 ? 3.131   -0.834  -16.061 1.00 0.49 ? 11 DC  A "O5'"  1 
ATOM   315 C  "C5'"  . DC  A 1 11 ? 3.786   -1.551  -15.011 1.00 0.48 ? 11 DC  A "C5'"  1 
ATOM   316 C  "C4'"  . DC  A 1 11 ? 3.324   -2.988  -14.992 1.00 0.48 ? 11 DC  A "C4'"  1 
ATOM   317 O  "O4'"  . DC  A 1 11 ? 2.025   -3.048  -14.353 1.00 0.47 ? 11 DC  A "O4'"  1 
ATOM   318 C  "C3'"  . DC  A 1 11 ? 3.159   -3.630  -16.370 1.00 0.50 ? 11 DC  A "C3'"  1 
ATOM   319 O  "O3'"  . DC  A 1 11 ? 3.647   -4.976  -16.359 1.00 0.52 ? 11 DC  A "O3'"  1 
ATOM   320 C  "C2'"  . DC  A 1 11 ? 1.656   -3.623  -16.604 1.00 0.51 ? 11 DC  A "C2'"  1 
ATOM   321 C  "C1'"  . DC  A 1 11 ? 1.076   -3.666  -15.203 1.00 0.48 ? 11 DC  A "C1'"  1 
ATOM   322 N  N1     . DC  A 1 11 ? -0.193  -2.942  -15.060 1.00 0.48 ? 11 DC  A N1     1 
ATOM   323 C  C2     . DC  A 1 11 ? -1.248  -3.538  -14.364 1.00 0.49 ? 11 DC  A C2     1 
ATOM   324 O  O2     . DC  A 1 11 ? -1.090  -4.669  -13.885 1.00 0.49 ? 11 DC  A O2     1 
ATOM   325 N  N3     . DC  A 1 11 ? -2.415  -2.864  -14.233 1.00 0.49 ? 11 DC  A N3     1 
ATOM   326 C  C4     . DC  A 1 11 ? -2.543  -1.646  -14.763 1.00 0.49 ? 11 DC  A C4     1 
ATOM   327 N  N4     . DC  A 1 11 ? -3.709  -1.019  -14.605 1.00 0.51 ? 11 DC  A N4     1 
ATOM   328 C  C5     . DC  A 1 11 ? -1.481  -1.019  -15.479 1.00 0.49 ? 11 DC  A C5     1 
ATOM   329 C  C6     . DC  A 1 11 ? -0.337  -1.701  -15.602 1.00 0.48 ? 11 DC  A C6     1 
ATOM   330 H  "H5'"  . DC  A 1 11 ? 3.554   -1.089  -14.052 1.00 0.48 ? 11 DC  A "H5'"  1 
ATOM   331 H  "H5''" . DC  A 1 11 ? 4.865   -1.526  -15.167 1.00 0.49 ? 11 DC  A "H5''" 1 
ATOM   332 H  "H4'"  . DC  A 1 11 ? 4.084   -3.570  -14.468 1.00 0.48 ? 11 DC  A "H4'"  1 
ATOM   333 H  "H3'"  . DC  A 1 11 ? 3.698   -3.060  -17.130 1.00 0.52 ? 11 DC  A "H3'"  1 
ATOM   334 H  "H2'"  . DC  A 1 11 ? 1.332   -2.742  -17.159 1.00 0.51 ? 11 DC  A "H2'"  1 
ATOM   335 H  "H2''" . DC  A 1 11 ? 1.337   -4.502  -17.162 1.00 0.53 ? 11 DC  A "H2''" 1 
ATOM   336 H  "H1'"  . DC  A 1 11 ? 0.935   -4.688  -14.868 1.00 0.49 ? 11 DC  A "H1'"  1 
ATOM   337 H  H41    . DC  A 1 11 ? -4.460  -1.469  -14.100 1.00 0.52 ? 11 DC  A H41    1 
ATOM   338 H  H42    . DC  A 1 11 ? -3.846  -0.097  -14.989 1.00 0.52 ? 11 DC  A H42    1 
ATOM   339 H  H5     . DC  A 1 11 ? -1.597  -0.027  -15.912 1.00 0.50 ? 11 DC  A H5     1 
ATOM   340 H  H6     . DC  A 1 11 ? 0.494   -1.262  -16.150 1.00 0.48 ? 11 DC  A H6     1 
ATOM   341 P  P      . DC  A 1 12 ? 4.378   -5.574  -17.662 1.00 0.60 ? 12 DC  A P      1 
ATOM   342 O  OP1    . DC  A 1 12 ? 5.519   -6.405  -17.201 1.00 0.73 ? 12 DC  A OP1    1 
ATOM   343 O  OP2    . DC  A 1 12 ? 4.622   -4.457  -18.610 1.00 0.69 ? 12 DC  A OP2    1 
ATOM   344 O  "O5'"  . DC  A 1 12 ? 3.288   -6.538  -18.314 1.00 0.72 ? 12 DC  A "O5'"  1 
ATOM   345 C  "C5'"  . DC  A 1 12 ? 3.147   -7.891  -17.877 1.00 0.82 ? 12 DC  A "C5'"  1 
ATOM   346 C  "C4'"  . DC  A 1 12 ? 1.862   -8.482  -18.412 1.00 0.95 ? 12 DC  A "C4'"  1 
ATOM   347 O  "O4'"  . DC  A 1 12 ? 0.760   -7.961  -17.642 1.00 0.91 ? 12 DC  A "O4'"  1 
ATOM   348 C  "C3'"  . DC  A 1 12 ? 1.513   -8.154  -19.863 1.00 1.05 ? 12 DC  A "C3'"  1 
ATOM   349 O  "O3'"  . DC  A 1 12 ? 2.079   -9.125  -20.749 1.00 1.19 ? 12 DC  A "O3'"  1 
ATOM   350 C  "C2'"  . DC  A 1 12 ? -0.005  -8.251  -19.877 1.00 1.11 ? 12 DC  A "C2'"  1 
ATOM   351 C  "C1'"  . DC  A 1 12 ? -0.418  -7.940  -18.435 1.00 0.98 ? 12 DC  A "C1'"  1 
ATOM   352 N  N1     . DC  A 1 12 ? -1.066  -6.632  -18.236 1.00 0.86 ? 12 DC  A N1     1 
ATOM   353 C  C2     . DC  A 1 12 ? -2.359  -6.596  -17.711 1.00 0.83 ? 12 DC  A C2     1 
ATOM   354 O  O2     . DC  A 1 12 ? -2.925  -7.664  -17.445 1.00 0.91 ? 12 DC  A O2     1 
ATOM   355 N  N3     . DC  A 1 12 ? -2.958  -5.401  -17.508 1.00 0.75 ? 12 DC  A N3     1 
ATOM   356 C  C4     . DC  A 1 12 ? -2.315  -4.273  -17.817 1.00 0.70 ? 12 DC  A C4     1 
ATOM   357 N  N4     . DC  A 1 12 ? -2.944  -3.117  -17.603 1.00 0.67 ? 12 DC  A N4     1 
ATOM   358 C  C5     . DC  A 1 12 ? -0.998  -4.280  -18.359 1.00 0.72 ? 12 DC  A C5     1 
ATOM   359 C  C6     . DC  A 1 12 ? -0.416  -5.472  -18.549 1.00 0.80 ? 12 DC  A C6     1 
ATOM   360 H  "H5'"  . DC  A 1 12 ? 3.125   -7.921  -16.786 1.00 0.80 ? 12 DC  A "H5'"  1 
ATOM   361 H  "H5''" . DC  A 1 12 ? 3.992   -8.485  -18.230 1.00 0.90 ? 12 DC  A "H5''" 1 
ATOM   362 H  "H4'"  . DC  A 1 12 ? 1.948   -9.568  -18.348 1.00 1.05 ? 12 DC  A "H4'"  1 
ATOM   363 H  "H3'"  . DC  A 1 12 ? 1.865   -7.160  -20.146 1.00 0.99 ? 12 DC  A "H3'"  1 
ATOM   364 H  "HO3'" . DC  A 1 12 ? 3.026   -8.967  -20.778 1.00 1.15 ? 12 DC  A "HO3'" 1 
ATOM   365 H  "H2'"  . DC  A 1 12 ? -0.446  -7.557  -20.594 1.00 1.14 ? 12 DC  A "H2'"  1 
ATOM   366 H  "H2''" . DC  A 1 12 ? -0.333  -9.255  -20.152 1.00 1.24 ? 12 DC  A "H2''" 1 
ATOM   367 H  "H1'"  . DC  A 1 12 ? -1.085  -8.709  -18.052 1.00 1.07 ? 12 DC  A "H1'"  1 
ATOM   368 H  H41    . DC  A 1 12 ? -3.878  -3.116  -17.219 1.00 0.67 ? 12 DC  A H41    1 
ATOM   369 H  H42    . DC  A 1 12 ? -2.488  -2.243  -17.825 1.00 0.67 ? 12 DC  A H42    1 
ATOM   370 H  H5     . DC  A 1 12 ? -0.484  -3.353  -18.611 1.00 0.70 ? 12 DC  A H5     1 
ATOM   371 H  H6     . DC  A 1 12 ? 0.591   -5.514  -18.951 1.00 0.83 ? 12 DC  A H6     1 
ATOM   372 O  "O5'"  . DG  B 2 1  ? -13.247 -4.374  -14.744 1.00 1.44 ? 13 DG  B "O5'"  1 
ATOM   373 C  "C5'"  . DG  B 2 1  ? -13.545 -5.766  -14.879 1.00 1.32 ? 13 DG  B "C5'"  1 
ATOM   374 C  "C4'"  . DG  B 2 1  ? -12.381 -6.617  -14.427 1.00 1.05 ? 13 DG  B "C4'"  1 
ATOM   375 O  "O4'"  . DG  B 2 1  ? -11.260 -6.376  -15.302 1.00 1.03 ? 13 DG  B "O4'"  1 
ATOM   376 C  "C3'"  . DG  B 2 1  ? -11.862 -6.321  -13.022 1.00 0.85 ? 13 DG  B "C3'"  1 
ATOM   377 O  "O3'"  . DG  B 2 1  ? -12.503 -7.181  -12.071 1.00 0.78 ? 13 DG  B "O3'"  1 
ATOM   378 C  "C2'"  . DG  B 2 1  ? -10.379 -6.642  -13.112 1.00 0.83 ? 13 DG  B "C2'"  1 
ATOM   379 C  "C1'"  . DG  B 2 1  ? -10.043 -6.573  -14.599 1.00 0.89 ? 13 DG  B "C1'"  1 
ATOM   380 N  N9     . DG  B 2 1  ? -9.138  -5.490  -14.968 1.00 0.81 ? 13 DG  B N9     1 
ATOM   381 C  C8     . DG  B 2 1  ? -9.386  -4.141  -14.910 1.00 0.79 ? 13 DG  B C8     1 
ATOM   382 N  N7     . DG  B 2 1  ? -8.381  -3.415  -15.320 1.00 0.75 ? 13 DG  B N7     1 
ATOM   383 C  C5     . DG  B 2 1  ? -7.409  -4.343  -15.668 1.00 0.73 ? 13 DG  B C5     1 
ATOM   384 C  C6     . DG  B 2 1  ? -6.099  -4.158  -16.184 1.00 0.71 ? 13 DG  B C6     1 
ATOM   385 O  O6     . DG  B 2 1  ? -5.512  -3.099  -16.438 1.00 0.69 ? 13 DG  B O6     1 
ATOM   386 N  N1     . DG  B 2 1  ? -5.459  -5.373  -16.403 1.00 0.74 ? 13 DG  B N1     1 
ATOM   387 C  C2     . DG  B 2 1  ? -6.003  -6.607  -16.148 1.00 0.82 ? 13 DG  B C2     1 
ATOM   388 N  N2     . DG  B 2 1  ? -5.228  -7.662  -16.415 1.00 0.90 ? 13 DG  B N2     1 
ATOM   389 N  N3     . DG  B 2 1  ? -7.217  -6.794  -15.666 1.00 0.84 ? 13 DG  B N3     1 
ATOM   390 C  C4     . DG  B 2 1  ? -7.860  -5.627  -15.453 1.00 0.78 ? 13 DG  B C4     1 
ATOM   391 H  "H5'"  . DG  B 2 1  ? -13.763 -5.989  -15.923 1.00 1.55 ? 13 DG  B "H5'"  1 
ATOM   392 H  "H5''" . DG  B 2 1  ? -14.420 -6.011  -14.276 1.00 1.32 ? 13 DG  B "H5''" 1 
ATOM   393 H  "H4'"  . DG  B 2 1  ? -12.712 -7.655  -14.428 1.00 1.13 ? 13 DG  B "H4'"  1 
ATOM   394 H  "H3'"  . DG  B 2 1  ? -12.040 -5.282  -12.745 1.00 0.94 ? 13 DG  B "H3'"  1 
ATOM   395 H  "H2'"  . DG  B 2 1  ? -9.787  -5.945  -12.526 1.00 0.82 ? 13 DG  B "H2'"  1 
ATOM   396 H  "H2''" . DG  B 2 1  ? -10.167 -7.644  -12.741 1.00 0.85 ? 13 DG  B "H2''" 1 
ATOM   397 H  "H1'"  . DG  B 2 1  ? -9.607  -7.513  -14.940 1.00 0.95 ? 13 DG  B "H1'"  1 
ATOM   398 H  H8     . DG  B 2 1  ? -10.321 -3.723  -14.566 1.00 0.82 ? 13 DG  B H8     1 
ATOM   399 H  H1     . DG  B 2 1  ? -4.521  -5.348  -16.778 1.00 0.75 ? 13 DG  B H1     1 
ATOM   400 H  H21    . DG  B 2 1  ? -4.296  -7.539  -16.792 1.00 0.90 ? 13 DG  B H21    1 
ATOM   401 H  H22    . DG  B 2 1  ? -5.584  -8.592  -16.243 1.00 0.98 ? 13 DG  B H22    1 
ATOM   402 H  "HO5'" . DG  B 2 1  ? -12.314 -4.267  -14.946 1.00 1.93 ? 13 DG  B "HO5'" 1 
ATOM   403 P  P      . DG  B 2 2  ? -12.408 -6.851  -10.499 1.00 0.81 ? 14 DG  B P      1 
ATOM   404 O  OP1    . DG  B 2 2  ? -13.503 -7.578  -9.808  1.00 1.07 ? 14 DG  B OP1    1 
ATOM   405 O  OP2    . DG  B 2 2  ? -12.301 -5.377  -10.351 1.00 0.96 ? 14 DG  B OP2    1 
ATOM   406 O  "O5'"  . DG  B 2 2  ? -11.021 -7.492  -10.045 1.00 0.76 ? 14 DG  B "O5'"  1 
ATOM   407 C  "C5'"  . DG  B 2 2  ? -10.628 -8.793  -10.488 1.00 0.82 ? 14 DG  B "C5'"  1 
ATOM   408 C  "C4'"  . DG  B 2 2  ? -9.143  -8.989  -10.278 1.00 0.76 ? 14 DG  B "C4'"  1 
ATOM   409 O  "O4'"  . DG  B 2 2  ? -8.419  -8.075  -11.145 1.00 0.71 ? 14 DG  B "O4'"  1 
ATOM   410 C  "C3'"  . DG  B 2 2  ? -8.617  -8.692  -8.871  1.00 0.70 ? 14 DG  B "C3'"  1 
ATOM   411 O  "O3'"  . DG  B 2 2  ? -7.478  -9.522  -8.602  1.00 0.69 ? 14 DG  B "O3'"  1 
ATOM   412 C  "C2'"  . DG  B 2 2  ? -8.233  -7.233  -8.982  1.00 0.63 ? 14 DG  B "C2'"  1 
ATOM   413 C  "C1'"  . DG  B 2 2  ? -7.582  -7.253  -10.343 1.00 0.64 ? 14 DG  B "C1'"  1 
ATOM   414 N  N9     . DG  B 2 2  ? -7.484  -5.939  -10.964 1.00 0.61 ? 14 DG  B N9     1 
ATOM   415 C  C8     . DG  B 2 2  ? -8.466  -4.989  -11.016 1.00 0.62 ? 14 DG  B C8     1 
ATOM   416 N  N7     . DG  B 2 2  ? -8.098  -3.898  -11.629 1.00 0.60 ? 14 DG  B N7     1 
ATOM   417 C  C5     . DG  B 2 2  ? -6.783  -4.148  -12.005 1.00 0.57 ? 14 DG  B C5     1 
ATOM   418 C  C6     . DG  B 2 2  ? -5.851  -3.334  -12.700 1.00 0.54 ? 14 DG  B C6     1 
ATOM   419 O  O6     . DG  B 2 2  ? -6.005  -2.190  -13.145 1.00 0.54 ? 14 DG  B O6     1 
ATOM   420 N  N1     . DG  B 2 2  ? -4.630  -3.980  -12.860 1.00 0.52 ? 14 DG  B N1     1 
ATOM   421 C  C2     . DG  B 2 2  ? -4.344  -5.248  -12.415 1.00 0.54 ? 14 DG  B C2     1 
ATOM   422 N  N2     . DG  B 2 2  ? -3.113  -5.703  -12.665 1.00 0.53 ? 14 DG  B N2     1 
ATOM   423 N  N3     . DG  B 2 2  ? -5.201  -6.014  -11.770 1.00 0.56 ? 14 DG  B N3     1 
ATOM   424 C  C4     . DG  B 2 2  ? -6.392  -5.406  -11.600 1.00 0.57 ? 14 DG  B C4     1 
ATOM   425 H  "H5'"  . DG  B 2 2  ? -10.854 -8.901  -11.548 1.00 0.86 ? 14 DG  B "H5'"  1 
ATOM   426 H  "H5''" . DG  B 2 2  ? -11.176 -9.554  -9.931  1.00 0.91 ? 14 DG  B "H5''" 1 
ATOM   427 H  "H4'"  . DG  B 2 2  ? -8.917  -10.037 -10.481 1.00 0.82 ? 14 DG  B "H4'"  1 
ATOM   428 H  "H3'"  . DG  B 2 2  ? -9.375  -8.853  -8.110  1.00 0.72 ? 14 DG  B "H3'"  1 
ATOM   429 H  "H2'"  . DG  B 2 2  ? -9.117  -6.596  -8.957  1.00 0.64 ? 14 DG  B "H2'"  1 
ATOM   430 H  "H2''" . DG  B 2 2  ? -7.597  -6.921  -8.163  1.00 0.59 ? 14 DG  B "H2''" 1 
ATOM   431 H  "H1'"  . DG  B 2 2  ? -6.590  -7.705  -10.307 1.00 0.63 ? 14 DG  B "H1'"  1 
ATOM   432 H  H8     . DG  B 2 2  ? -9.444  -5.132  -10.581 1.00 0.64 ? 14 DG  B H8     1 
ATOM   433 H  H1     . DG  B 2 2  ? -3.904  -3.470  -13.336 1.00 0.51 ? 14 DG  B H1     1 
ATOM   434 H  H21    . DG  B 2 2  ? -2.436  -5.130  -13.154 1.00 0.51 ? 14 DG  B H21    1 
ATOM   435 H  H22    . DG  B 2 2  ? -2.852  -6.628  -12.358 1.00 0.55 ? 14 DG  B H22    1 
ATOM   436 P  P      . DA  B 2 3  ? -6.715  -9.419  -7.190  1.00 0.64 ? 15 DA  B P      1 
ATOM   437 O  OP1    . DA  B 2 3  ? -6.755  -10.760 -6.554  1.00 0.67 ? 15 DA  B OP1    1 
ATOM   438 O  OP2    . DA  B 2 3  ? -7.238  -8.243  -6.449  1.00 0.62 ? 15 DA  B OP2    1 
ATOM   439 O  "O5'"  . DA  B 2 3  ? -5.204  -9.113  -7.597  1.00 0.61 ? 15 DA  B "O5'"  1 
ATOM   440 C  "C5'"  . DA  B 2 3  ? -4.598  -9.756  -8.725  1.00 0.63 ? 15 DA  B "C5'"  1 
ATOM   441 C  "C4'"  . DA  B 2 3  ? -3.090  -9.755  -8.583  1.00 0.59 ? 15 DA  B "C4'"  1 
ATOM   442 O  "O4'"  . DA  B 2 3  ? -2.555  -8.602  -9.271  1.00 0.54 ? 15 DA  B "O4'"  1 
ATOM   443 C  "C3'"  . DA  B 2 3  ? -2.559  -9.629  -7.160  1.00 0.56 ? 15 DA  B "C3'"  1 
ATOM   444 O  "O3'"  . DA  B 2 3  ? -1.224  -10.146 -7.086  1.00 0.57 ? 15 DA  B "O3'"  1 
ATOM   445 C  "C2'"  . DA  B 2 3  ? -2.570  -8.126  -6.945  1.00 0.50 ? 15 DA  B "C2'"  1 
ATOM   446 C  "C1'"  . DA  B 2 3  ? -2.215  -7.587  -8.329  1.00 0.49 ? 15 DA  B "C1'"  1 
ATOM   447 N  N9     . DA  B 2 3  ? -2.947  -6.378  -8.703  1.00 0.47 ? 15 DA  B N9     1 
ATOM   448 C  C8     . DA  B 2 3  ? -4.290  -6.163  -8.547  1.00 0.48 ? 15 DA  B C8     1 
ATOM   449 N  N7     . DA  B 2 3  ? -4.700  -5.007  -9.010  1.00 0.47 ? 15 DA  B N7     1 
ATOM   450 C  C5     . DA  B 2 3  ? -3.542  -4.412  -9.492  1.00 0.44 ? 15 DA  B C5     1 
ATOM   451 C  C6     . DA  B 2 3  ? -3.300  -3.174  -10.116 1.00 0.42 ? 15 DA  B C6     1 
ATOM   452 N  N6     . DA  B 2 3  ? -4.253  -2.284  -10.396 1.00 0.43 ? 15 DA  B N6     1 
ATOM   453 N  N1     . DA  B 2 3  ? -2.029  -2.883  -10.461 1.00 0.41 ? 15 DA  B N1     1 
ATOM   454 C  C2     . DA  B 2 3  ? -1.072  -3.781  -10.201 1.00 0.41 ? 15 DA  B C2     1 
ATOM   455 N  N3     . DA  B 2 3  ? -1.175  -4.983  -9.636  1.00 0.43 ? 15 DA  B N3     1 
ATOM   456 C  C4     . DA  B 2 3  ? -2.451  -5.241  -9.299  1.00 0.44 ? 15 DA  B C4     1 
ATOM   457 H  "H5'"  . DA  B 2 3  ? -4.871  -9.221  -9.636  1.00 0.63 ? 15 DA  B "H5'"  1 
ATOM   458 H  "H5''" . DA  B 2 3  ? -4.956  -10.785 -8.796  1.00 0.69 ? 15 DA  B "H5''" 1 
ATOM   459 H  "H4'"  . DA  B 2 3  ? -2.713  -10.701 -8.977  1.00 0.64 ? 15 DA  B "H4'"  1 
ATOM   460 H  "H3'"  . DA  B 2 3  ? -3.194  -10.157 -6.445  1.00 0.58 ? 15 DA  B "H3'"  1 
ATOM   461 H  "H2'"  . DA  B 2 3  ? -3.545  -7.775  -6.605  1.00 0.50 ? 15 DA  B "H2'"  1 
ATOM   462 H  "H2''" . DA  B 2 3  ? -1.846  -7.834  -6.196  1.00 0.48 ? 15 DA  B "H2''" 1 
ATOM   463 H  "H1'"  . DA  B 2 3  ? -1.146  -7.389  -8.413  1.00 0.48 ? 15 DA  B "H1'"  1 
ATOM   464 H  H8     . DA  B 2 3  ? -4.946  -6.878  -8.070  1.00 0.51 ? 15 DA  B H8     1 
ATOM   465 H  H61    . DA  B 2 3  ? -4.015  -1.408  -10.842 1.00 0.43 ? 15 DA  B H61    1 
ATOM   466 H  H62    . DA  B 2 3  ? -5.212  -2.484  -10.160 1.00 0.45 ? 15 DA  B H62    1 
ATOM   467 H  H2     . DA  B 2 3  ? -0.063  -3.480  -10.480 1.00 0.40 ? 15 DA  B H2     1 
ATOM   468 P  P      . DG  B 2 4  ? -0.330  -9.881  -5.774  1.00 0.55 ? 16 DG  B P      1 
ATOM   469 O  OP1    . DG  B 2 4  ? 0.596   -11.030 -5.613  1.00 0.60 ? 16 DG  B OP1    1 
ATOM   470 O  OP2    . DG  B 2 4  ? -1.245  -9.517  -4.660  1.00 0.54 ? 16 DG  B OP2    1 
ATOM   471 O  "O5'"  . DG  B 2 4  ? 0.536   -8.595  -6.145  1.00 0.52 ? 16 DG  B "O5'"  1 
ATOM   472 C  "C5'"  . DG  B 2 4  ? 1.682   -8.704  -6.993  1.00 0.53 ? 16 DG  B "C5'"  1 
ATOM   473 C  "C4'"  . DG  B 2 4  ? 2.382   -7.372  -7.113  1.00 0.49 ? 16 DG  B "C4'"  1 
ATOM   474 O  "O4'"  . DG  B 2 4  ? 1.421   -6.364  -7.509  1.00 0.45 ? 16 DG  B "O4'"  1 
ATOM   475 C  "C3'"  . DG  B 2 4  ? 3.037   -6.853  -5.825  1.00 0.48 ? 16 DG  B "C3'"  1 
ATOM   476 O  "O3'"  . DG  B 2 4  ? 4.422   -6.565  -6.075  1.00 0.50 ? 16 DG  B "O3'"  1 
ATOM   477 C  "C2'"  . DG  B 2 4  ? 2.266   -5.575  -5.503  1.00 0.43 ? 16 DG  B "C2'"  1 
ATOM   478 C  "C1'"  . DG  B 2 4  ? 1.758   -5.158  -6.863  1.00 0.41 ? 16 DG  B "C1'"  1 
ATOM   479 N  N9     . DG  B 2 4  ? 0.577   -4.301  -6.849  1.00 0.38 ? 16 DG  B N9     1 
ATOM   480 C  C8     . DG  B 2 4  ? -0.635  -4.565  -6.260  1.00 0.38 ? 16 DG  B C8     1 
ATOM   481 N  N7     . DG  B 2 4  ? -1.509  -3.612  -6.430  1.00 0.36 ? 16 DG  B N7     1 
ATOM   482 C  C5     . DG  B 2 4  ? -0.828  -2.653  -7.166  1.00 0.34 ? 16 DG  B C5     1 
ATOM   483 C  C6     . DG  B 2 4  ? -1.255  -1.390  -7.639  1.00 0.33 ? 16 DG  B C6     1 
ATOM   484 O  O6     . DG  B 2 4  ? -2.358  -0.852  -7.504  1.00 0.33 ? 16 DG  B O6     1 
ATOM   485 N  N1     . DG  B 2 4  ? -0.244  -0.737  -8.336  1.00 0.33 ? 16 DG  B N1     1 
ATOM   486 C  C2     . DG  B 2 4  ? 1.017   -1.235  -8.546  1.00 0.34 ? 16 DG  B C2     1 
ATOM   487 N  N2     . DG  B 2 4  ? 1.851   -0.453  -9.241  1.00 0.35 ? 16 DG  B N2     1 
ATOM   488 N  N3     . DG  B 2 4  ? 1.429   -2.411  -8.109  1.00 0.36 ? 16 DG  B N3     1 
ATOM   489 C  C4     . DG  B 2 4  ? 0.462   -3.062  -7.430  1.00 0.36 ? 16 DG  B C4     1 
ATOM   490 H  "H5'"  . DG  B 2 4  ? 1.372   -9.034  -7.985  1.00 0.54 ? 16 DG  B "H5'"  1 
ATOM   491 H  "H5''" . DG  B 2 4  ? 2.376   -9.436  -6.577  1.00 0.56 ? 16 DG  B "H5''" 1 
ATOM   492 H  "H4'"  . DG  B 2 4  ? 3.189   -7.496  -7.838  1.00 0.51 ? 16 DG  B "H4'"  1 
ATOM   493 H  "H3'"  . DG  B 2 4  ? 2.968   -7.592  -5.024  1.00 0.50 ? 16 DG  B "H3'"  1 
ATOM   494 H  "H2'"  . DG  B 2 4  ? 1.453   -5.758  -4.797  1.00 0.42 ? 16 DG  B "H2'"  1 
ATOM   495 H  "H2''" . DG  B 2 4  ? 2.914   -4.820  -5.065  1.00 0.42 ? 16 DG  B "H2''" 1 
ATOM   496 H  "H1'"  . DG  B 2 4  ? 2.541   -4.670  -7.445  1.00 0.42 ? 16 DG  B "H1'"  1 
ATOM   497 H  H8     . DG  B 2 4  ? -0.838  -5.460  -5.697  1.00 0.40 ? 16 DG  B H8     1 
ATOM   498 H  H1     . DG  B 2 4  ? -0.459  0.170   -8.720  1.00 0.32 ? 16 DG  B H1     1 
ATOM   499 H  H21    . DG  B 2 4  ? 1.547   0.449   -9.577  1.00 0.34 ? 16 DG  B H21    1 
ATOM   500 H  H22    . DG  B 2 4  ? 2.792   -0.770  -9.425  1.00 0.36 ? 16 DG  B H22    1 
ATOM   501 P  P      . DG  B 2 5  ? 5.265   -5.676  -5.029  1.00 0.50 ? 17 DG  B P      1 
ATOM   502 O  OP1    . DG  B 2 5  ? 6.689   -6.074  -5.165  1.00 0.56 ? 17 DG  B OP1    1 
ATOM   503 O  OP2    . DG  B 2 5  ? 4.609   -5.746  -3.698  1.00 0.48 ? 17 DG  B OP2    1 
ATOM   504 O  "O5'"  . DG  B 2 5  ? 5.116   -4.190  -5.587  1.00 0.46 ? 17 DG  B "O5'"  1 
ATOM   505 C  "C5'"  . DG  B 2 5  ? 5.269   -3.910  -6.982  1.00 0.47 ? 17 DG  B "C5'"  1 
ATOM   506 C  "C4'"  . DG  B 2 5  ? 5.914   -2.559  -7.181  1.00 0.44 ? 17 DG  B "C4'"  1 
ATOM   507 O  "O4'"  . DG  B 2 5  ? 4.875   -1.579  -7.415  1.00 0.40 ? 17 DG  B "O4'"  1 
ATOM   508 C  "C3'"  . DG  B 2 5  ? 6.734   -2.049  -5.998  1.00 0.44 ? 17 DG  B "C3'"  1 
ATOM   509 O  "O3'"  . DG  B 2 5  ? 7.918   -1.390  -6.460  1.00 0.45 ? 17 DG  B "O3'"  1 
ATOM   510 C  "C2'"  . DG  B 2 5  ? 5.818   -1.052  -5.304  1.00 0.39 ? 17 DG  B "C2'"  1 
ATOM   511 C  "C1'"  . DG  B 2 5  ? 4.817   -0.620  -6.371  1.00 0.37 ? 17 DG  B "C1'"  1 
ATOM   512 N  N9     . DG  B 2 5  ? 3.434   -0.555  -5.909  1.00 0.35 ? 17 DG  B N9     1 
ATOM   513 C  C8     . DG  B 2 5  ? 2.755   -1.516  -5.202  1.00 0.36 ? 17 DG  B C8     1 
ATOM   514 N  N7     . DG  B 2 5  ? 1.523   -1.182  -4.930  1.00 0.34 ? 17 DG  B N7     1 
ATOM   515 C  C5     . DG  B 2 5  ? 1.377   0.078   -5.492  1.00 0.31 ? 17 DG  B C5     1 
ATOM   516 C  C6     . DG  B 2 5  ? 0.258   0.949   -5.513  1.00 0.30 ? 17 DG  B C6     1 
ATOM   517 O  O6     . DG  B 2 5  ? -0.860  0.774   -5.020  1.00 0.30 ? 17 DG  B O6     1 
ATOM   518 N  N1     . DG  B 2 5  ? 0.539   2.130   -6.193  1.00 0.30 ? 17 DG  B N1     1 
ATOM   519 C  C2     . DG  B 2 5  ? 1.744   2.434   -6.778  1.00 0.31 ? 17 DG  B C2     1 
ATOM   520 N  N2     . DG  B 2 5  ? 1.815   3.612   -7.416  1.00 0.32 ? 17 DG  B N2     1 
ATOM   521 N  N3     . DG  B 2 5  ? 2.802   1.639   -6.749  1.00 0.32 ? 17 DG  B N3     1 
ATOM   522 C  C4     . DG  B 2 5  ? 2.548   0.483   -6.099  1.00 0.32 ? 17 DG  B C4     1 
ATOM   523 H  "H5'"  . DG  B 2 5  ? 4.292   -3.913  -7.465  1.00 0.46 ? 17 DG  B "H5'"  1 
ATOM   524 H  "H5''" . DG  B 2 5  ? 5.895   -4.675  -7.442  1.00 0.51 ? 17 DG  B "H5''" 1 
ATOM   525 H  "H4'"  . DG  B 2 5  ? 6.607   -2.652  -8.019  1.00 0.46 ? 17 DG  B "H4'"  1 
ATOM   526 H  "H3'"  . DG  B 2 5  ? 7.021   -2.869  -5.339  1.00 0.46 ? 17 DG  B "H3'"  1 
ATOM   527 H  "H2'"  . DG  B 2 5  ? 5.331   -1.489  -4.433  1.00 0.39 ? 17 DG  B "H2'"  1 
ATOM   528 H  "H2''" . DG  B 2 5  ? 6.378   -0.184  -4.963  1.00 0.38 ? 17 DG  B "H2''" 1 
ATOM   529 H  "H1'"  . DG  B 2 5  ? 5.086   0.351   -6.790  1.00 0.36 ? 17 DG  B "H1'"  1 
ATOM   530 H  H8     . DG  B 2 5  ? 3.195   -2.454  -4.903  1.00 0.38 ? 17 DG  B H8     1 
ATOM   531 H  H1     . DG  B 2 5  ? -0.206  2.811   -6.257  1.00 0.30 ? 17 DG  B H1     1 
ATOM   532 H  H21    . DG  B 2 5  ? 1.011   4.223   -7.499  1.00 0.32 ? 17 DG  B H21    1 
ATOM   533 H  H22    . DG  B 2 5  ? 2.681   3.872   -7.864  1.00 0.33 ? 17 DG  B H22    1 
ATOM   534 P  P      . DC  B 2 6  ? 9.182   -1.240  -5.475  1.00 0.45 ? 18 DC  B P      1 
ATOM   535 O  OP1    . DC  B 2 6  ? 10.390  -1.122  -6.331  1.00 0.52 ? 18 DC  B OP1    1 
ATOM   536 O  OP2    . DC  B 2 6  ? 9.117   -2.305  -4.442  1.00 0.49 ? 18 DC  B OP2    1 
ATOM   537 O  "O5'"  . DC  B 2 6  ? 8.949   0.164   -4.759  1.00 0.39 ? 18 DC  B "O5'"  1 
ATOM   538 C  "C5'"  . DC  B 2 6  ? 9.084   1.389   -5.483  1.00 0.39 ? 18 DC  B "C5'"  1 
ATOM   539 C  "C4'"  . DC  B 2 6  ? 8.163   2.440   -4.910  1.00 0.34 ? 18 DC  B "C4'"  1 
ATOM   540 O  "O4'"  . DC  B 2 6  ? 6.855   1.865   -4.725  1.00 0.32 ? 18 DC  B "O4'"  1 
ATOM   541 C  "C3'"  . DC  B 2 6  ? 8.568   2.980   -3.537  1.00 0.39 ? 18 DC  B "C3'"  1 
ATOM   542 O  "O3'"  . DC  B 2 6  ? 9.201   4.257   -3.672  1.00 0.46 ? 18 DC  B "O3'"  1 
ATOM   543 C  "C2'"  . DC  B 2 6  ? 7.251   3.125   -2.786  1.00 0.41 ? 18 DC  B "C2'"  1 
ATOM   544 C  "C1'"  . DC  B 2 6  ? 6.184   2.619   -3.742  1.00 0.34 ? 18 DC  B "C1'"  1 
ATOM   545 N  N1     . DC  B 2 6  ? 5.173   1.756   -3.113  1.00 0.34 ? 18 DC  B N1     1 
ATOM   546 C  C2     . DC  B 2 6  ? 3.875   2.237   -2.975  1.00 0.32 ? 18 DC  B C2     1 
ATOM   547 O  O2     . DC  B 2 6  ? 3.613   3.368   -3.395  1.00 0.31 ? 18 DC  B O2     1 
ATOM   548 N  N3     . DC  B 2 6  ? 2.937   1.458   -2.390  1.00 0.33 ? 18 DC  B N3     1 
ATOM   549 C  C4     . DC  B 2 6  ? 3.261   0.240   -1.958  1.00 0.35 ? 18 DC  B C4     1 
ATOM   550 N  N4     . DC  B 2 6  ? 2.303   -0.492  -1.388  1.00 0.35 ? 18 DC  B N4     1 
ATOM   551 C  C5     . DC  B 2 6  ? 4.582   -0.281  -2.089  1.00 0.37 ? 18 DC  B C5     1 
ATOM   552 C  C6     . DC  B 2 6  ? 5.499   0.508   -2.665  1.00 0.37 ? 18 DC  B C6     1 
ATOM   553 H  "H5'"  . DC  B 2 6  ? 8.829   1.225   -6.530  1.00 0.42 ? 18 DC  B "H5'"  1 
ATOM   554 H  "H5''" . DC  B 2 6  ? 10.113  1.740   -5.416  1.00 0.46 ? 18 DC  B "H5''" 1 
ATOM   555 H  "H4'"  . DC  B 2 6  ? 8.166   3.290   -5.595  1.00 0.34 ? 18 DC  B "H4'"  1 
ATOM   556 H  "H3'"  . DC  B 2 6  ? 9.250   2.296   -3.033  1.00 0.55 ? 18 DC  B "H3'"  1 
ATOM   557 H  "H2'"  . DC  B 2 6  ? 7.263   2.569   -1.849  1.00 0.55 ? 18 DC  B "H2'"  1 
ATOM   558 H  "H2''" . DC  B 2 6  ? 7.042   4.166   -2.550  1.00 0.49 ? 18 DC  B "H2''" 1 
ATOM   559 H  "H1'"  . DC  B 2 6  ? 5.675   3.447   -4.238  1.00 0.33 ? 18 DC  B "H1'"  1 
ATOM   560 H  H41    . DC  B 2 6  ? 1.368   -0.117  -1.306  1.00 0.34 ? 18 DC  B H41    1 
ATOM   561 H  H42    . DC  B 2 6  ? 2.507   -1.419  -1.047  1.00 0.37 ? 18 DC  B H42    1 
ATOM   562 H  H5     . DC  B 2 6  ? 4.836   -1.280  -1.734  1.00 0.39 ? 18 DC  B H5     1 
ATOM   563 H  H6     . DC  B 2 6  ? 6.523   0.150   -2.775  1.00 0.39 ? 18 DC  B H6     1 
ATOM   564 P  P      . DC  B 2 7  ? 9.601   5.094   -2.357  1.00 0.59 ? 19 DC  B P      1 
ATOM   565 O  OP1    . DC  B 2 7  ? 10.411  6.257   -2.800  1.00 0.78 ? 19 DC  B OP1    1 
ATOM   566 O  OP2    . DC  B 2 7  ? 10.162  4.149   -1.358  1.00 0.67 ? 19 DC  B OP2    1 
ATOM   567 O  "O5'"  . DC  B 2 7  ? 8.207   5.632   -1.800  1.00 0.52 ? 19 DC  B "O5'"  1 
ATOM   568 C  "C5'"  . DC  B 2 7  ? 7.612   6.822   -2.323  1.00 0.68 ? 19 DC  B "C5'"  1 
ATOM   569 C  "C4'"  . DC  B 2 7  ? 6.660   7.418   -1.311  1.00 0.67 ? 19 DC  B "C4'"  1 
ATOM   570 O  "O4'"  . DC  B 2 7  ? 5.529   6.531   -1.139  1.00 0.63 ? 19 DC  B "O4'"  1 
ATOM   571 C  "C3'"  . DC  B 2 7  ? 7.252   7.641   0.082   1.00 0.67 ? 19 DC  B "C3'"  1 
ATOM   572 O  "O3'"  . DC  B 2 7  ? 7.050   9.006   0.467   1.00 0.72 ? 19 DC  B "O3'"  1 
ATOM   573 C  "C2'"  . DC  B 2 7  ? 6.472   6.697   0.985   1.00 0.60 ? 19 DC  B "C2'"  1 
ATOM   574 C  "C1'"  . DC  B 2 7  ? 5.184   6.454   0.228   1.00 0.59 ? 19 DC  B "C1'"  1 
ATOM   575 N  N1     . DC  B 2 7  ? 4.547   5.144   0.448   1.00 0.54 ? 19 DC  B N1     1 
ATOM   576 C  C2     . DC  B 2 7  ? 3.214   5.107   0.868   1.00 0.54 ? 19 DC  B C2     1 
ATOM   577 O  O2     . DC  B 2 7  ? 2.625   6.174   1.091   1.00 0.59 ? 19 DC  B O2     1 
ATOM   578 N  N3     . DC  B 2 7  ? 2.602   3.913   1.022   1.00 0.51 ? 19 DC  B N3     1 
ATOM   579 C  C4     . DC  B 2 7  ? 3.273   2.785   0.784   1.00 0.48 ? 19 DC  B C4     1 
ATOM   580 N  N4     . DC  B 2 7  ? 2.628   1.630   0.952   1.00 0.46 ? 19 DC  B N4     1 
ATOM   581 C  C5     . DC  B 2 7  ? 4.636   2.790   0.366   1.00 0.47 ? 19 DC  B C5     1 
ATOM   582 C  C6     . DC  B 2 7  ? 5.231   3.981   0.221   1.00 0.50 ? 19 DC  B C6     1 
ATOM   583 H  "H5'"  . DC  B 2 7  ? 7.064   6.586   -3.236  1.00 0.73 ? 19 DC  B "H5'"  1 
ATOM   584 H  "H5''" . DC  B 2 7  ? 8.390   7.551   -2.554  1.00 0.89 ? 19 DC  B "H5''" 1 
ATOM   585 H  "H4'"  . DC  B 2 7  ? 6.372   8.404   -1.675  1.00 0.72 ? 19 DC  B "H4'"  1 
ATOM   586 H  "H3'"  . DC  B 2 7  ? 8.319   7.423   0.093   1.00 0.68 ? 19 DC  B "H3'"  1 
ATOM   587 H  "H2'"  . DC  B 2 7  ? 7.022   5.777   1.175   1.00 0.57 ? 19 DC  B "H2'"  1 
ATOM   588 H  "H2''" . DC  B 2 7  ? 6.259   7.161   1.944   1.00 0.61 ? 19 DC  B "H2''" 1 
ATOM   589 H  "H1'"  . DC  B 2 7  ? 4.451   7.237   0.441   1.00 0.62 ? 19 DC  B "H1'"  1 
ATOM   590 H  H41    . DC  B 2 7  ? 1.661   1.636   1.244   1.00 0.48 ? 19 DC  B H41    1 
ATOM   591 H  H42    . DC  B 2 7  ? 3.098   0.754   0.787   1.00 0.45 ? 19 DC  B H42    1 
ATOM   592 H  H5     . DC  B 2 7  ? 5.171   1.862   0.165   1.00 0.45 ? 19 DC  B H5     1 
ATOM   593 H  H6     . DC  B 2 7  ? 6.278   4.022   -0.076  1.00 0.50 ? 19 DC  B H6     1 
ATOM   594 P  P      . DT  B 2 8  ? 7.569   9.519   1.899   1.00 0.76 ? 20 DT  B P      1 
ATOM   595 O  OP1    . DT  B 2 8  ? 7.636   11.002  1.840   1.00 0.85 ? 20 DT  B OP1    1 
ATOM   596 O  OP2    . DT  B 2 8  ? 8.781   8.744   2.268   1.00 0.75 ? 20 DT  B OP2    1 
ATOM   597 O  "O5'"  . DT  B 2 8  ? 6.395   9.114   2.896   1.00 0.73 ? 20 DT  B "O5'"  1 
ATOM   598 C  "C5'"  . DT  B 2 8  ? 5.069   9.623   2.726   1.00 0.74 ? 20 DT  B "C5'"  1 
ATOM   599 C  "C4'"  . DT  B 2 8  ? 4.249   9.356   3.968   1.00 0.69 ? 20 DT  B "C4'"  1 
ATOM   600 O  "O4'"  . DT  B 2 8  ? 3.642   8.040   3.876   1.00 0.67 ? 20 DT  B "O4'"  1 
ATOM   601 C  "C3'"  . DT  B 2 8  ? 5.029   9.352   5.290   1.00 0.66 ? 20 DT  B "C3'"  1 
ATOM   602 O  "O3'"  . DT  B 2 8  ? 4.272   10.028  6.302   1.00 0.65 ? 20 DT  B "O3'"  1 
ATOM   603 C  "C2'"  . DT  B 2 8  ? 5.155   7.876   5.613   1.00 0.60 ? 20 DT  B "C2'"  1 
ATOM   604 C  "C1'"  . DT  B 2 8  ? 3.807   7.397   5.126   1.00 0.58 ? 20 DT  B "C1'"  1 
ATOM   605 N  N1     . DT  B 2 8  ? 3.638   5.937   4.926   1.00 0.54 ? 20 DT  B N1     1 
ATOM   606 C  C2     . DT  B 2 8  ? 2.366   5.433   5.086   1.00 0.53 ? 20 DT  B C2     1 
ATOM   607 O  O2     . DT  B 2 8  ? 1.409   6.127   5.383   1.00 0.55 ? 20 DT  B O2     1 
ATOM   608 N  N3     . DT  B 2 8  ? 2.252   4.082   4.881   1.00 0.50 ? 20 DT  B N3     1 
ATOM   609 C  C4     . DT  B 2 8  ? 3.257   3.206   4.538   1.00 0.49 ? 20 DT  B C4     1 
ATOM   610 O  O4     . DT  B 2 8  ? 2.997   2.019   4.366   1.00 0.48 ? 20 DT  B O4     1 
ATOM   611 C  C5     . DT  B 2 8  ? 4.569   3.797   4.394   1.00 0.51 ? 20 DT  B C5     1 
ATOM   612 C  C7     . DT  B 2 8  ? 5.733   2.907   4.086   1.00 0.50 ? 20 DT  B C7     1 
ATOM   613 C  C6     . DT  B 2 8  ? 4.698   5.117   4.592   1.00 0.53 ? 20 DT  B C6     1 
ATOM   614 H  "H5'"  . DT  B 2 8  ? 4.593   9.139   1.871   1.00 0.75 ? 20 DT  B "H5'"  1 
ATOM   615 H  "H5''" . DT  B 2 8  ? 5.107   10.700  2.544   1.00 0.78 ? 20 DT  B "H5''" 1 
ATOM   616 H  "H4'"  . DT  B 2 8  ? 3.512   10.156  4.048   1.00 0.70 ? 20 DT  B "H4'"  1 
ATOM   617 H  "H3'"  . DT  B 2 8  ? 6.002   9.831   5.186   1.00 0.71 ? 20 DT  B "H3'"  1 
ATOM   618 H  "H2'"  . DT  B 2 8  ? 5.978   7.428   5.058   1.00 0.63 ? 20 DT  B "H2'"  1 
ATOM   619 H  "H2''" . DT  B 2 8  ? 5.353   7.717   6.668   1.00 0.56 ? 20 DT  B "H2''" 1 
ATOM   620 H  "H1'"  . DT  B 2 8  ? 3.011   7.752   5.787   1.00 0.55 ? 20 DT  B "H1'"  1 
ATOM   621 H  H3     . DT  B 2 8  ? 1.336   3.675   5.010   1.00 0.50 ? 20 DT  B H3     1 
ATOM   622 H  H71    . DT  B 2 8  ? 6.316   3.337   3.272   1.00 1.11 ? 20 DT  B H71    1 
ATOM   623 H  H72    . DT  B 2 8  ? 6.362   2.812   4.971   1.00 1.14 ? 20 DT  B H72    1 
ATOM   624 H  H73    . DT  B 2 8  ? 5.370   1.922   3.792   1.00 0.94 ? 20 DT  B H73    1 
ATOM   625 H  H6     . DT  B 2 8  ? 5.688   5.558   4.490   1.00 0.55 ? 20 DT  B H6     1 
ATOM   626 P  P      . DG  B 2 9  ? 4.963   10.405  7.705   1.00 0.62 ? 21 DG  B P      1 
ATOM   627 O  OP1    . DG  B 2 9  ? 5.095   11.884  7.746   1.00 0.70 ? 21 DG  B OP1    1 
ATOM   628 O  OP2    . DG  B 2 9  ? 6.169   9.557   7.887   1.00 0.62 ? 21 DG  B OP2    1 
ATOM   629 O  "O5'"  . DG  B 2 9  ? 3.882   9.972   8.793   1.00 0.56 ? 21 DG  B "O5'"  1 
ATOM   630 C  "C5'"  . DG  B 2 9  ? 2.624   10.643  8.892   1.00 0.61 ? 21 DG  B "C5'"  1 
ATOM   631 C  "C4'"  . DG  B 2 9  ? 1.670   9.845   9.751   1.00 0.61 ? 21 DG  B "C4'"  1 
ATOM   632 O  "O4'"  . DG  B 2 9  ? 1.557   8.499   9.222   1.00 0.60 ? 21 DG  B "O4'"  1 
ATOM   633 C  "C3'"  . DG  B 2 9  ? 2.087   9.690   11.218  1.00 0.58 ? 21 DG  B "C3'"  1 
ATOM   634 O  "O3'"  . DG  B 2 9  ? 0.979   10.021  12.065  1.00 0.66 ? 21 DG  B "O3'"  1 
ATOM   635 C  "C2'"  . DG  B 2 9  ? 2.459   8.220   11.347  1.00 0.53 ? 21 DG  B "C2'"  1 
ATOM   636 C  "C1'"  . DG  B 2 9  ? 1.596   7.570   10.288  1.00 0.54 ? 21 DG  B "C1'"  1 
ATOM   637 N  N9     . DG  B 2 9  ? 2.088   6.299   9.759   1.00 0.51 ? 21 DG  B N9     1 
ATOM   638 C  C8     . DG  B 2 9  ? 3.376   5.981   9.403   1.00 0.49 ? 21 DG  B C8     1 
ATOM   639 N  N7     . DG  B 2 9  ? 3.491   4.785   8.895   1.00 0.50 ? 21 DG  B N7     1 
ATOM   640 C  C5     . DG  B 2 9  ? 2.205   4.266   8.948   1.00 0.51 ? 21 DG  B C5     1 
ATOM   641 C  C6     . DG  B 2 9  ? 1.713   2.996   8.558   1.00 0.54 ? 21 DG  B C6     1 
ATOM   642 O  O6     . DG  B 2 9  ? 2.331   2.051   8.058   1.00 0.56 ? 21 DG  B O6     1 
ATOM   643 N  N1     . DG  B 2 9  ? 0.349   2.879   8.801   1.00 0.56 ? 21 DG  B N1     1 
ATOM   644 C  C2     . DG  B 2 9  ? -0.438  3.857   9.356   1.00 0.58 ? 21 DG  B C2     1 
ATOM   645 N  N2     . DG  B 2 9  ? -1.731  3.550   9.520   1.00 0.63 ? 21 DG  B N2     1 
ATOM   646 N  N3     . DG  B 2 9  ? 0.007   5.046   9.725   1.00 0.56 ? 21 DG  B N3     1 
ATOM   647 C  C4     . DG  B 2 9  ? 1.330   5.182   9.493   1.00 0.52 ? 21 DG  B C4     1 
ATOM   648 H  "H5'"  . DG  B 2 9  ? 2.193   10.765  7.896   1.00 0.68 ? 21 DG  B "H5'"  1 
ATOM   649 H  "H5''" . DG  B 2 9  ? 2.768   11.629  9.338   1.00 0.63 ? 21 DG  B "H5''" 1 
ATOM   650 H  "H4'"  . DG  B 2 9  ? 0.717   10.381  9.758   1.00 0.68 ? 21 DG  B "H4'"  1 
ATOM   651 H  "H3'"  . DG  B 2 9  ? 2.926   10.343  11.458  1.00 0.59 ? 21 DG  B "H3'"  1 
ATOM   652 H  "H2'"  . DG  B 2 9  ? 3.521   8.064   11.171  1.00 0.52 ? 21 DG  B "H2'"  1 
ATOM   653 H  "H2''" . DG  B 2 9  ? 2.232   7.835   12.338  1.00 0.53 ? 21 DG  B "H2''" 1 
ATOM   654 H  "H1'"  . DG  B 2 9  ? 0.575   7.426   10.650  1.00 0.58 ? 21 DG  B "H1'"  1 
ATOM   655 H  H8     . DG  B 2 9  ? 4.215   6.636   9.567   1.00 0.49 ? 21 DG  B H8     1 
ATOM   656 H  H1     . DG  B 2 9  ? -0.092  2.008   8.540   1.00 0.59 ? 21 DG  B H1     1 
ATOM   657 H  H21    . DG  B 2 9  ? -2.085  2.642   9.250   1.00 0.65 ? 21 DG  B H21    1 
ATOM   658 H  H22    . DG  B 2 9  ? -2.355  4.232   9.925   1.00 0.66 ? 21 DG  B H22    1 
ATOM   659 P  P      . DA  B 2 10 ? 1.147   9.975   13.665  1.00 0.76 ? 22 DA  B P      1 
ATOM   660 O  OP1    . DA  B 2 10 ? 0.711   11.285  14.209  1.00 0.87 ? 22 DA  B OP1    1 
ATOM   661 O  OP2    . DA  B 2 10 ? 2.507   9.467   13.978  1.00 0.75 ? 22 DA  B OP2    1 
ATOM   662 O  "O5'"  . DA  B 2 10 ? 0.090   8.872   14.119  1.00 0.82 ? 22 DA  B "O5'"  1 
ATOM   663 C  "C5'"  . DA  B 2 10 ? -1.090  8.625   13.349  1.00 0.83 ? 22 DA  B "C5'"  1 
ATOM   664 C  "C4'"  . DA  B 2 10 ? -1.811  7.404   13.871  1.00 0.86 ? 22 DA  B "C4'"  1 
ATOM   665 O  "O4'"  . DA  B 2 10 ? -1.393  6.248   13.100  1.00 0.78 ? 22 DA  B "O4'"  1 
ATOM   666 C  "C3'"  . DA  B 2 10 ? -1.522  7.056   15.331  1.00 0.95 ? 22 DA  B "C3'"  1 
ATOM   667 O  "O3'"  . DA  B 2 10 ? -2.704  6.538   15.954  1.00 1.10 ? 22 DA  B "O3'"  1 
ATOM   668 C  "C2'"  . DA  B 2 10 ? -0.445  5.993   15.224  1.00 0.81 ? 22 DA  B "C2'"  1 
ATOM   669 C  "C1'"  . DA  B 2 10 ? -0.857  5.260   13.967  1.00 0.70 ? 22 DA  B "C1'"  1 
ATOM   670 N  N9     . DA  B 2 10 ? 0.241   4.595   13.269  1.00 0.55 ? 22 DA  B N9     1 
ATOM   671 C  C8     . DA  B 2 10 ? 1.489   5.102   13.022  1.00 0.51 ? 22 DA  B C8     1 
ATOM   672 N  N7     . DA  B 2 10 ? 2.273   4.283   12.365  1.00 0.40 ? 22 DA  B N7     1 
ATOM   673 C  C5     . DA  B 2 10 ? 1.488   3.152   12.176  1.00 0.36 ? 22 DA  B C5     1 
ATOM   674 C  C6     . DA  B 2 10 ? 1.743   1.915   11.559  1.00 0.30 ? 22 DA  B C6     1 
ATOM   675 N  N6     . DA  B 2 10 ? 2.909   1.591   10.997  1.00 0.31 ? 22 DA  B N6     1 
ATOM   676 N  N1     . DA  B 2 10 ? 0.747   1.006   11.544  1.00 0.32 ? 22 DA  B N1     1 
ATOM   677 C  C2     . DA  B 2 10 ? -0.421  1.325   12.115  1.00 0.39 ? 22 DA  B C2     1 
ATOM   678 N  N3     . DA  B 2 10 ? -0.776  2.446   12.737  1.00 0.47 ? 22 DA  B N3     1 
ATOM   679 C  C4     . DA  B 2 10 ? 0.235   3.331   12.731  1.00 0.45 ? 22 DA  B C4     1 
ATOM   680 H  "H5'"  . DA  B 2 10 ? -0.819  8.460   12.306  1.00 0.79 ? 22 DA  B "H5'"  1 
ATOM   681 H  "H5''" . DA  B 2 10 ? -1.756  9.485   13.412  1.00 0.92 ? 22 DA  B "H5''" 1 
ATOM   682 H  "H4'"  . DA  B 2 10 ? -2.882  7.600   13.801  1.00 0.97 ? 22 DA  B "H4'"  1 
ATOM   683 H  "H3'"  . DA  B 2 10 ? -1.178  7.930   15.883  1.00 1.02 ? 22 DA  B "H3'"  1 
ATOM   684 H  "H2'"  . DA  B 2 10 ? 0.546   6.439   15.137  1.00 0.78 ? 22 DA  B "H2'"  1 
ATOM   685 H  "H2''" . DA  B 2 10 ? -0.432  5.345   16.094  1.00 0.85 ? 22 DA  B "H2''" 1 
ATOM   686 H  "H1'"  . DA  B 2 10 ? -1.639  4.529   14.174  1.00 0.72 ? 22 DA  B "H1'"  1 
ATOM   687 H  H8     . DA  B 2 10 ? 1.799   6.081   13.352  1.00 0.59 ? 22 DA  B H8     1 
ATOM   688 H  H61    . DA  B 2 10 ? 3.028   0.686   10.564  1.00 0.36 ? 22 DA  B H61    1 
ATOM   689 H  H62    . DA  B 2 10 ? 3.673   2.250   10.999  1.00 0.33 ? 22 DA  B H62    1 
ATOM   690 H  H2     . DA  B 2 10 ? -1.195  0.562   12.049  1.00 0.43 ? 22 DA  B H2     1 
ATOM   691 P  P      . DG  B 2 11 ? -2.670  6.115   17.504  1.00 1.26 ? 23 DG  B P      1 
ATOM   692 O  OP1    . DG  B 2 11 ? -4.077  5.932   17.944  1.00 1.45 ? 23 DG  B OP1    1 
ATOM   693 O  OP2    . DG  B 2 11 ? -1.792  7.064   18.233  1.00 1.44 ? 23 DG  B OP2    1 
ATOM   694 O  "O5'"  . DG  B 2 11 ? -1.961  4.688   17.495  1.00 1.04 ? 23 DG  B "O5'"  1 
ATOM   695 C  "C5'"  . DG  B 2 11 ? -2.599  3.551   16.911  1.00 0.86 ? 23 DG  B "C5'"  1 
ATOM   696 C  "C4'"  . DG  B 2 11 ? -1.922  2.282   17.370  1.00 0.74 ? 23 DG  B "C4'"  1 
ATOM   697 O  "O4'"  . DG  B 2 11 ? -0.934  1.900   16.384  1.00 0.62 ? 23 DG  B "O4'"  1 
ATOM   698 C  "C3'"  . DG  B 2 11 ? -1.175  2.399   18.705  1.00 0.90 ? 23 DG  B "C3'"  1 
ATOM   699 O  "O3'"  . DG  B 2 11 ? -1.674  1.439   19.643  1.00 0.97 ? 23 DG  B "O3'"  1 
ATOM   700 C  "C2'"  . DG  B 2 11 ? 0.272   2.093   18.358  1.00 0.87 ? 23 DG  B "C2'"  1 
ATOM   701 C  "C1'"  . DG  B 2 11 ? 0.168   1.336   17.055  1.00 0.68 ? 23 DG  B "C1'"  1 
ATOM   702 N  N9     . DG  B 2 11 ? 1.341   1.453   16.196  1.00 0.63 ? 23 DG  B N9     1 
ATOM   703 C  C8     . DG  B 2 11 ? 2.134   2.561   16.037  1.00 0.67 ? 23 DG  B C8     1 
ATOM   704 N  N7     . DG  B 2 11 ? 3.133   2.367   15.221  1.00 0.63 ? 23 DG  B N7     1 
ATOM   705 C  C5     . DG  B 2 11 ? 2.990   1.047   14.814  1.00 0.58 ? 23 DG  B C5     1 
ATOM   706 C  C6     . DG  B 2 11 ? 3.781   0.265   13.932  1.00 0.59 ? 23 DG  B C6     1 
ATOM   707 O  O6     . DG  B 2 11 ? 4.798   0.594   13.312  1.00 0.63 ? 23 DG  B O6     1 
ATOM   708 N  N1     . DG  B 2 11 ? 3.279   -1.025  13.805  1.00 0.59 ? 23 DG  B N1     1 
ATOM   709 C  C2     . DG  B 2 11 ? 2.156   -1.501  14.436  1.00 0.57 ? 23 DG  B C2     1 
ATOM   710 N  N2     . DG  B 2 11 ? 1.826   -2.771  14.185  1.00 0.60 ? 23 DG  B N2     1 
ATOM   711 N  N3     . DG  B 2 11 ? 1.408   -0.783  15.255  1.00 0.55 ? 23 DG  B N3     1 
ATOM   712 C  C4     . DG  B 2 11 ? 1.883   0.472   15.401  1.00 0.57 ? 23 DG  B C4     1 
ATOM   713 H  "H5'"  . DG  B 2 11 ? -2.538  3.613   15.825  1.00 0.79 ? 23 DG  B "H5'"  1 
ATOM   714 H  "H5''" . DG  B 2 11 ? -3.647  3.524   17.208  1.00 0.93 ? 23 DG  B "H5''" 1 
ATOM   715 H  "H4'"  . DG  B 2 11 ? -2.699  1.528   17.513  1.00 0.69 ? 23 DG  B "H4'"  1 
ATOM   716 H  "H3'"  . DG  B 2 11 ? -1.287  3.397   19.126  1.00 1.03 ? 23 DG  B "H3'"  1 
ATOM   717 H  "H2'"  . DG  B 2 11 ? 0.861   3.004   18.260  1.00 0.93 ? 23 DG  B "H2'"  1 
ATOM   718 H  "H2''" . DG  B 2 11 ? 0.743   1.483   19.120  1.00 0.97 ? 23 DG  B "H2''" 1 
ATOM   719 H  "H1'"  . DG  B 2 11 ? -0.041  0.278   17.227  1.00 0.67 ? 23 DG  B "H1'"  1 
ATOM   720 H  H8     . DG  B 2 11 ? 1.952   3.496   16.545  1.00 0.74 ? 23 DG  B H8     1 
ATOM   721 H  H1     . DG  B 2 11 ? 3.791   -1.651  13.197  1.00 0.64 ? 23 DG  B H1     1 
ATOM   722 H  H21    . DG  B 2 11 ? 2.389   -3.337  13.562  1.00 0.65 ? 23 DG  B H21    1 
ATOM   723 H  H22    . DG  B 2 11 ? 1.008   -3.166  14.625  1.00 0.58 ? 23 DG  B H22    1 
ATOM   724 P  P      . DG  B 2 12 ? -1.290  1.570   21.200  1.00 1.15 ? 24 DG  B P      1 
ATOM   725 O  OP1    . DG  B 2 12 ? -2.561  1.665   21.961  1.00 1.20 ? 24 DG  B OP1    1 
ATOM   726 O  OP2    . DG  B 2 12 ? -0.262  2.632   21.351  1.00 1.27 ? 24 DG  B OP2    1 
ATOM   727 O  "O5'"  . DG  B 2 12 ? -0.610  0.171   21.546  1.00 1.16 ? 24 DG  B "O5'"  1 
ATOM   728 C  "C5'"  . DG  B 2 12 ? -1.307  -1.058  21.337  1.00 1.12 ? 24 DG  B "C5'"  1 
ATOM   729 C  "C4'"  . DG  B 2 12 ? -0.328  -2.203  21.226  1.00 1.18 ? 24 DG  B "C4'"  1 
ATOM   730 O  "O4'"  . DG  B 2 12 ? 0.644   -1.889  20.200  1.00 1.10 ? 24 DG  B "O4'"  1 
ATOM   731 C  "C3'"  . DG  B 2 12 ? 0.471   -2.500  22.501  1.00 1.38 ? 24 DG  B "C3'"  1 
ATOM   732 O  "O3'"  . DG  B 2 12 ? 0.377   -3.886  22.833  1.00 1.47 ? 24 DG  B "O3'"  1 
ATOM   733 C  "C2'"  . DG  B 2 12 ? 1.908   -2.149  22.136  1.00 1.41 ? 24 DG  B "C2'"  1 
ATOM   734 C  "C1'"  . DG  B 2 12 ? 1.921   -2.303  20.631  1.00 1.24 ? 24 DG  B "C1'"  1 
ATOM   735 N  N9     . DG  B 2 12 ? 2.918   -1.496  19.931  1.00 1.20 ? 24 DG  B N9     1 
ATOM   736 C  C8     . DG  B 2 12 ? 3.141   -0.146  20.059  1.00 1.22 ? 24 DG  B C8     1 
ATOM   737 N  N7     . DG  B 2 12 ? 4.106   0.291   19.298  1.00 1.19 ? 24 DG  B N7     1 
ATOM   738 C  C5     . DG  B 2 12 ? 4.548   -0.840  18.623  1.00 1.15 ? 24 DG  B C5     1 
ATOM   739 C  C6     . DG  B 2 12 ? 5.578   -0.991  17.660  1.00 1.13 ? 24 DG  B C6     1 
ATOM   740 O  O6     . DG  B 2 12 ? 6.331   -0.127  17.195  1.00 1.13 ? 24 DG  B O6     1 
ATOM   741 N  N1     . DG  B 2 12 ? 5.690   -2.309  17.233  1.00 1.14 ? 24 DG  B N1     1 
ATOM   742 C  C2     . DG  B 2 12 ? 4.912   -3.349  17.676  1.00 1.17 ? 24 DG  B C2     1 
ATOM   743 N  N2     . DG  B 2 12 ? 5.170   -4.549  17.142  1.00 1.22 ? 24 DG  B N2     1 
ATOM   744 N  N3     . DG  B 2 12 ? 3.950   -3.225  18.574  1.00 1.18 ? 24 DG  B N3     1 
ATOM   745 C  C4     . DG  B 2 12 ? 3.824   -1.950  19.002  1.00 1.17 ? 24 DG  B C4     1 
ATOM   746 H  "H5'"  . DG  B 2 12 ? -1.889  -0.996  20.417  1.00 1.01 ? 24 DG  B "H5'"  1 
ATOM   747 H  "H5''" . DG  B 2 12 ? -1.981  -1.244  22.172  1.00 1.22 ? 24 DG  B "H5''" 1 
ATOM   748 H  "H4'"  . DG  B 2 12 ? -0.905  -3.104  21.006  1.00 1.16 ? 24 DG  B "H4'"  1 
ATOM   749 H  "H3'"  . DG  B 2 12 ? 0.105   -1.908  23.340  1.00 1.46 ? 24 DG  B "H3'"  1 
ATOM   750 H  "HO3'" . DG  B 2 12 ? 0.550   -4.386  22.031  1.00 1.72 ? 24 DG  B "HO3'" 1 
ATOM   751 H  "H2'"  . DG  B 2 12 ? 2.166   -1.139  22.452  1.00 1.45 ? 24 DG  B "H2'"  1 
ATOM   752 H  "H2''" . DG  B 2 12 ? 2.614   -2.831  22.610  1.00 1.53 ? 24 DG  B "H2''" 1 
ATOM   753 H  "H1'"  . DG  B 2 12 ? 2.053   -3.347  20.346  1.00 1.25 ? 24 DG  B "H1'"  1 
ATOM   754 H  H8     . DG  B 2 12 ? 2.575   0.492   20.721  1.00 1.26 ? 24 DG  B H8     1 
ATOM   755 H  H1     . DG  B 2 12 ? 6.401   -2.514  16.544  1.00 1.14 ? 24 DG  B H1     1 
ATOM   756 H  H21    . DG  B 2 12 ? 5.903   -4.652  16.451  1.00 1.23 ? 24 DG  B H21    1 
ATOM   757 H  H22    . DG  B 2 12 ? 4.630   -5.352  17.428  1.00 1.27 ? 24 DG  B H22    1 
HETATM 758 PT PT     . 1PT C 3 .  ? -3.270  1.303   0.195   1.00 0.44 ? 77 1PT A PT     1 
HETATM 759 N  N1     . 1PT C 3 .  ? -3.708  -0.303  1.349   1.00 0.58 ? 77 1PT A N1     1 
HETATM 760 N  N2     . 1PT C 3 .  ? -3.418  0.029   -1.370  1.00 0.41 ? 77 1PT A N2     1 
HETATM 761 C  C1     . 1PT C 3 .  ? -4.249  -1.423  0.437   1.00 0.60 ? 77 1PT A C1     1 
HETATM 762 C  C2     . 1PT C 3 .  ? -3.401  -1.412  -0.823  1.00 0.51 ? 77 1PT A C2     1 
HETATM 763 C  C3     . 1PT C 3 .  ? -3.899  -2.417  -1.820  1.00 0.61 ? 77 1PT A C3     1 
HETATM 764 C  C4     . 1PT C 3 .  ? -3.898  -3.805  -1.224  1.00 0.72 ? 77 1PT A C4     1 
HETATM 765 C  C5     . 1PT C 3 .  ? -4.783  -3.870  0.118   1.00 0.80 ? 77 1PT A C5     1 
HETATM 766 C  C6     . 1PT C 3 .  ? -4.224  -2.766  1.088   1.00 0.71 ? 77 1PT A C6     1 
HETATM 767 H  H11    . 1PT C 3 .  ? -2.886  -0.668  1.809   1.00 0.60 ? 77 1PT A H11    1 
HETATM 768 H  H12    . 1PT C 3 .  ? -4.439  -0.089  2.015   1.00 0.66 ? 77 1PT A H12    1 
HETATM 769 H  H21    . 1PT C 3 .  ? -4.293  0.145   -1.862  1.00 0.44 ? 77 1PT A H21    1 
HETATM 770 H  H22    . 1PT C 3 .  ? -2.627  0.114   -1.993  1.00 0.36 ? 77 1PT A H22    1 
HETATM 771 H  H1     . 1PT C 3 .  ? -5.282  -1.196  0.173   1.00 0.65 ? 77 1PT A H1     1 
HETATM 772 H  H2     . 1PT C 3 .  ? -2.375  -1.672  -0.558  1.00 0.50 ? 77 1PT A H2     1 
HETATM 773 H  H31    . 1PT C 3 .  ? -3.253  -2.404  -2.698  1.00 0.58 ? 77 1PT A H31    1 
HETATM 774 H  H32    . 1PT C 3 .  ? -4.915  -2.155  -2.119  1.00 0.65 ? 77 1PT A H32    1 
HETATM 775 H  H41    . 1PT C 3 .  ? -4.305  -4.507  -1.953  1.00 0.81 ? 77 1PT A H41    1 
HETATM 776 H  H42    . 1PT C 3 .  ? -2.872  -4.092  -0.989  1.00 0.69 ? 77 1PT A H42    1 
HETATM 777 H  H51    . 1PT C 3 .  ? -4.687  -4.853  0.580   1.00 0.88 ? 77 1PT A H51    1 
HETATM 778 H  H52    . 1PT C 3 .  ? -5.828  -3.667  -0.115  1.00 0.85 ? 77 1PT A H52    1 
HETATM 779 H  H61    . 1PT C 3 .  ? -3.198  -3.014  1.360   1.00 0.69 ? 77 1PT A H61    1 
HETATM 780 H  H62    . 1PT C 3 .  ? -4.836  -2.737  1.989   1.00 0.80 ? 77 1PT A H62    1 
# 
